data_8ZKN
#
_entry.id   8ZKN
#
_cell.length_a   1.00
_cell.length_b   1.00
_cell.length_c   1.00
_cell.angle_alpha   90.00
_cell.angle_beta   90.00
_cell.angle_gamma   90.00
#
_symmetry.space_group_name_H-M   'P 1'
#
loop_
_entity.id
_entity.type
_entity.pdbx_description
1 polymer 'Monocarboxylate transporter 8'
2 non-polymer (2~{R},3~{R})-2-[(2~{S},3~{R})-3-(hydroxymethyl)-2-(3-methoxy-4-oxidanyl-phenyl)-7-oxidanyl-2,3-dihydro-1-benzofuran-5-yl]-3,5,7-tris(oxidanyl)-2,3-dihydrochromen-4-one
3 non-polymer 1,2-DIACYL-SN-GLYCERO-3-PHOSPHOCHOLINE
4 non-polymer "2-[2-[(1~{S},2~{S},4~{S},5'~{R},6~{R},7~{S},8~{R},9~{S},12~{S},13~{R},16~{S})-5',7,9,13-tetramethylspiro[5-oxapentacyclo[10.8.0.0^{2,9}.0^{4,8}.0^{13,18}]icos-18-ene-6,2'-oxane]-16-yl]oxyethyl]propane-1,3-diol"
5 water water
#
_entity_poly.entity_id   1
_entity_poly.type   'polypeptide(L)'
_entity_poly.pdbx_seq_one_letter_code
;MALQSQASEEAKGPWQEADQEQQEPVGSPEPESEPEPEPEPEPVPVPPPEPQPEPQPLPDPAPLPELEFESERVHEPEPT
PTVETRGTARGFQPPEGGFGWVVVFAATWCNGSIFGIHNSVGILYSMLLEEEKEKNRQVEFQAAWVGALAMGMIFFCSPI
VSIFTDRLGCRITATAGAAVAFIGLHTSSFTSSLSLRYFTYGILFGCGCSFAFQPSLVILGHYFQRRLGLANGVVSAGSS
IFSMSFPFLIRMLGDKIKLAQTFQVLSTFMFVLMLLSLTYRPLLPSSQDTPSKRGVRTLHQRFLAQLRKYFNMRVFRQRT
YRIWAFGIAAAALGYFVPYVHLMKYVEEEFSEIKETWVLLVCIGATSGLGRLVSGHISDSIPGLKKIYLQVLSFLLLGLM
SMMIPLCRDFGGLIVVCLFLGLCDGFFITIMAPIAFELVGPMQASQAIGYLLGMMALPMIAGPPIAGLLRNCFGDYHVAF
YFAGVPPIIGAVILFFVPLMHQRMFKKEQRDSSKDKMLAPDPDPNGELLPGSPNPEEPI
;
_entity_poly.pdbx_strand_id   A,B
#
# COMPACT_ATOMS: atom_id res chain seq x y z
N PRO A 94 30.65 -5.95 -4.38
CA PRO A 94 29.32 -6.14 -3.82
C PRO A 94 29.12 -7.53 -3.23
N PRO A 95 28.05 -7.74 -2.47
CA PRO A 95 27.82 -9.07 -1.90
C PRO A 95 27.74 -10.17 -2.95
N GLU A 96 27.15 -9.89 -4.11
CA GLU A 96 26.92 -10.91 -5.13
C GLU A 96 26.17 -12.10 -4.53
N GLY A 97 25.20 -11.79 -3.67
CA GLY A 97 24.45 -12.82 -2.98
C GLY A 97 23.80 -12.25 -1.74
N GLY A 98 23.42 -13.15 -0.84
CA GLY A 98 22.80 -12.71 0.41
C GLY A 98 21.56 -11.89 0.14
N PHE A 99 21.50 -10.71 0.77
CA PHE A 99 20.34 -9.85 0.61
C PHE A 99 20.07 -9.53 -0.85
N GLY A 100 21.12 -9.54 -1.68
CA GLY A 100 20.91 -9.29 -3.10
C GLY A 100 19.88 -10.21 -3.70
N TRP A 101 19.92 -11.50 -3.34
CA TRP A 101 18.94 -12.44 -3.86
C TRP A 101 17.53 -12.01 -3.47
N VAL A 102 17.35 -11.51 -2.25
CA VAL A 102 16.04 -10.98 -1.87
C VAL A 102 15.61 -9.92 -2.87
N VAL A 103 16.51 -8.98 -3.17
CA VAL A 103 16.21 -7.95 -4.14
C VAL A 103 15.78 -8.60 -5.45
N VAL A 104 16.50 -9.64 -5.88
CA VAL A 104 16.16 -10.29 -7.13
C VAL A 104 14.70 -10.71 -7.11
N PHE A 105 14.28 -11.37 -6.02
CA PHE A 105 12.88 -11.76 -5.91
C PHE A 105 11.98 -10.54 -6.10
N ALA A 106 12.24 -9.49 -5.33
CA ALA A 106 11.47 -8.26 -5.49
C ALA A 106 11.48 -7.82 -6.93
N ALA A 107 12.67 -7.76 -7.54
CA ALA A 107 12.76 -7.34 -8.94
C ALA A 107 11.87 -8.20 -9.80
N THR A 108 11.92 -9.52 -9.63
CA THR A 108 11.05 -10.40 -10.40
C THR A 108 9.59 -9.97 -10.22
N TRP A 109 9.16 -9.83 -8.96
CA TRP A 109 7.77 -9.49 -8.71
C TRP A 109 7.39 -8.21 -9.43
N CYS A 110 8.34 -7.29 -9.61
CA CYS A 110 8.06 -6.10 -10.40
C CYS A 110 7.77 -6.49 -11.85
N ASN A 111 8.76 -7.05 -12.53
CA ASN A 111 8.67 -7.23 -13.97
C ASN A 111 7.43 -8.05 -14.33
N GLY A 112 7.38 -9.29 -13.84
CA GLY A 112 6.25 -10.15 -14.17
C GLY A 112 4.91 -9.54 -13.81
N SER A 113 4.82 -8.59 -13.05
CA SER A 113 3.56 -8.11 -12.55
C SER A 113 3.26 -6.94 -13.26
N ILE A 114 4.16 -6.29 -13.88
CA ILE A 114 3.85 -5.16 -14.74
C ILE A 114 3.44 -5.69 -16.10
N PHE A 115 4.39 -6.33 -16.80
CA PHE A 115 4.12 -6.78 -18.16
C PHE A 115 2.94 -7.73 -18.21
N GLY A 116 2.89 -8.67 -17.26
CA GLY A 116 1.74 -9.56 -17.19
C GLY A 116 0.43 -8.82 -17.16
N ILE A 117 0.34 -7.79 -16.30
CA ILE A 117 -0.89 -7.01 -16.24
C ILE A 117 -1.19 -6.39 -17.59
N HIS A 118 -0.15 -5.89 -18.27
CA HIS A 118 -0.36 -5.32 -19.59
C HIS A 118 -0.86 -6.39 -20.56
N ASN A 119 -0.32 -7.60 -20.47
CA ASN A 119 -0.78 -8.68 -21.33
C ASN A 119 -2.26 -8.98 -21.11
N SER A 120 -2.82 -8.58 -19.98
CA SER A 120 -4.22 -8.80 -19.68
C SER A 120 -5.13 -7.70 -20.22
N VAL A 121 -4.56 -6.58 -20.70
CA VAL A 121 -5.38 -5.43 -21.05
C VAL A 121 -6.46 -5.83 -22.05
N GLY A 122 -6.08 -6.56 -23.09
CA GLY A 122 -7.06 -6.98 -24.09
C GLY A 122 -8.23 -7.69 -23.45
N ILE A 123 -7.95 -8.66 -22.58
CA ILE A 123 -9.02 -9.38 -21.91
C ILE A 123 -9.95 -8.40 -21.20
N LEU A 124 -9.37 -7.46 -20.46
CA LEU A 124 -10.18 -6.47 -19.78
C LEU A 124 -11.11 -5.78 -20.75
N TYR A 125 -10.57 -5.34 -21.90
CA TYR A 125 -11.40 -4.68 -22.88
C TYR A 125 -12.61 -5.52 -23.23
N SER A 126 -12.41 -6.81 -23.48
CA SER A 126 -13.52 -7.69 -23.80
C SER A 126 -14.60 -7.59 -22.73
N MET A 127 -14.20 -7.71 -21.46
CA MET A 127 -15.16 -7.60 -20.37
C MET A 127 -15.96 -6.30 -20.49
N LEU A 128 -15.26 -5.19 -20.71
CA LEU A 128 -15.94 -3.91 -20.86
C LEU A 128 -17.05 -4.01 -21.91
N LEU A 129 -16.72 -4.57 -23.08
CA LEU A 129 -17.72 -4.70 -24.13
C LEU A 129 -18.89 -5.55 -23.64
N GLU A 130 -18.58 -6.67 -22.98
CA GLU A 130 -19.65 -7.54 -22.50
C GLU A 130 -20.52 -6.86 -21.45
N GLU A 131 -20.04 -5.75 -20.88
CA GLU A 131 -20.85 -5.00 -19.92
C GLU A 131 -21.55 -3.80 -20.55
N GLU A 132 -21.22 -3.45 -21.79
CA GLU A 132 -21.84 -2.33 -22.48
C GLU A 132 -22.61 -2.75 -23.71
N LYS A 133 -22.97 -4.03 -23.82
CA LYS A 133 -23.71 -4.51 -24.98
C LYS A 133 -25.20 -4.61 -24.65
N ALA A 144 -8.13 0.27 -28.06
CA ALA A 144 -6.90 -0.40 -28.45
C ALA A 144 -5.71 0.53 -28.32
N TRP A 145 -5.91 1.80 -28.69
CA TRP A 145 -4.83 2.78 -28.60
C TRP A 145 -4.44 3.04 -27.15
N VAL A 146 -5.41 3.03 -26.25
CA VAL A 146 -5.12 3.29 -24.84
C VAL A 146 -4.22 2.19 -24.28
N GLY A 147 -4.45 0.95 -24.68
CA GLY A 147 -3.60 -0.14 -24.21
C GLY A 147 -2.16 0.03 -24.66
N ALA A 148 -1.96 0.46 -25.91
CA ALA A 148 -0.61 0.71 -26.39
C ALA A 148 0.02 1.90 -25.68
N LEU A 149 -0.76 2.94 -25.42
CA LEU A 149 -0.23 4.12 -24.72
C LEU A 149 0.22 3.75 -23.31
N ALA A 150 -0.59 2.99 -22.58
CA ALA A 150 -0.23 2.63 -21.22
C ALA A 150 1.05 1.80 -21.19
N MET A 151 1.19 0.86 -22.11
CA MET A 151 2.41 0.05 -22.21
C MET A 151 3.62 0.87 -22.62
N GLY A 152 3.47 1.78 -23.58
CA GLY A 152 4.59 2.58 -24.05
C GLY A 152 5.02 3.64 -23.05
N MET A 153 4.15 4.02 -22.13
CA MET A 153 4.54 4.92 -21.06
C MET A 153 5.63 4.32 -20.17
N ILE A 154 5.77 2.99 -20.18
CA ILE A 154 6.82 2.36 -19.39
C ILE A 154 8.19 2.81 -19.87
N PHE A 155 8.39 2.87 -21.18
CA PHE A 155 9.68 3.17 -21.78
C PHE A 155 9.85 4.64 -22.14
N PHE A 156 8.78 5.29 -22.60
CA PHE A 156 8.89 6.68 -23.02
C PHE A 156 9.25 7.60 -21.85
N CYS A 157 8.71 7.32 -20.66
CA CYS A 157 8.91 8.17 -19.49
C CYS A 157 10.15 7.76 -18.69
N SER A 158 10.93 6.80 -19.15
CA SER A 158 12.06 6.26 -18.40
C SER A 158 13.17 7.29 -18.20
N PRO A 159 13.43 8.19 -19.16
CA PRO A 159 14.48 9.20 -18.93
C PRO A 159 14.26 10.05 -17.68
N ILE A 160 13.01 10.38 -17.36
CA ILE A 160 12.74 11.15 -16.15
C ILE A 160 12.95 10.28 -14.91
N VAL A 161 12.54 9.02 -14.99
CA VAL A 161 12.78 8.10 -13.89
C VAL A 161 14.26 7.95 -13.62
N SER A 162 15.08 8.04 -14.67
CA SER A 162 16.53 7.96 -14.47
C SER A 162 17.02 9.14 -13.64
N ILE A 163 16.53 10.34 -13.94
CA ILE A 163 16.91 11.52 -13.16
C ILE A 163 16.49 11.34 -11.71
N PHE A 164 15.28 10.90 -11.42
CA PHE A 164 14.95 10.70 -10.01
C PHE A 164 15.88 9.71 -9.32
N THR A 165 16.01 8.52 -9.87
CA THR A 165 16.85 7.42 -9.29
C THR A 165 18.20 7.80 -8.98
N ASP A 166 18.65 8.98 -9.39
CA ASP A 166 20.05 9.38 -9.18
C ASP A 166 20.12 10.51 -8.19
N ARG A 167 18.97 11.06 -7.85
CA ARG A 167 18.87 12.15 -6.95
C ARG A 167 17.99 11.66 -5.88
N LEU A 168 16.93 10.95 -6.17
CA LEU A 168 16.17 10.46 -5.01
C LEU A 168 16.70 9.10 -4.53
N GLY A 169 16.70 8.12 -5.41
CA GLY A 169 17.15 6.77 -5.08
C GLY A 169 16.20 5.73 -5.62
N CYS A 170 16.71 4.49 -5.62
CA CYS A 170 15.92 3.38 -6.15
C CYS A 170 14.68 3.11 -5.29
N ARG A 171 14.84 3.16 -3.96
CA ARG A 171 13.74 2.80 -3.08
C ARG A 171 12.60 3.80 -3.17
N ILE A 172 12.92 5.10 -3.07
CA ILE A 172 11.88 6.12 -3.08
C ILE A 172 11.15 6.13 -4.42
N THR A 173 11.90 6.08 -5.51
CA THR A 173 11.30 6.09 -6.83
C THR A 173 10.42 4.85 -7.04
N ALA A 174 10.93 3.68 -6.65
CA ALA A 174 10.15 2.46 -6.83
C ALA A 174 8.86 2.51 -6.02
N THR A 175 8.94 2.96 -4.77
CA THR A 175 7.74 3.03 -3.94
C THR A 175 6.74 4.03 -4.50
N ALA A 176 7.22 5.19 -4.97
CA ALA A 176 6.31 6.18 -5.54
C ALA A 176 5.62 5.64 -6.79
N GLY A 177 6.39 4.99 -7.68
CA GLY A 177 5.79 4.43 -8.87
C GLY A 177 4.77 3.35 -8.56
N ALA A 178 5.09 2.49 -7.58
CA ALA A 178 4.14 1.45 -7.18
C ALA A 178 2.88 2.06 -6.59
N ALA A 179 3.01 3.10 -5.79
CA ALA A 179 1.84 3.77 -5.23
C ALA A 179 0.98 4.37 -6.33
N VAL A 180 1.61 4.99 -7.33
CA VAL A 180 0.85 5.58 -8.43
C VAL A 180 0.15 4.51 -9.23
N ALA A 181 0.82 3.38 -9.47
CA ALA A 181 0.17 2.27 -10.18
C ALA A 181 -1.02 1.73 -9.40
N PHE A 182 -0.86 1.58 -8.08
CA PHE A 182 -1.97 1.13 -7.25
C PHE A 182 -3.15 2.08 -7.36
N ILE A 183 -2.89 3.39 -7.30
CA ILE A 183 -3.97 4.37 -7.39
C ILE A 183 -4.61 4.31 -8.77
N GLY A 184 -3.82 4.11 -9.81
CA GLY A 184 -4.38 3.99 -11.15
C GLY A 184 -5.34 2.83 -11.26
N LEU A 185 -4.92 1.65 -10.80
CA LEU A 185 -5.79 0.48 -10.86
C LEU A 185 -7.03 0.67 -9.97
N HIS A 186 -6.85 1.33 -8.82
CA HIS A 186 -7.98 1.63 -7.94
C HIS A 186 -9.03 2.47 -8.68
N THR A 187 -8.62 3.65 -9.14
CA THR A 187 -9.58 4.53 -9.81
C THR A 187 -10.10 3.93 -11.11
N SER A 188 -9.36 2.99 -11.70
CA SER A 188 -9.93 2.19 -12.79
C SER A 188 -11.08 1.34 -12.28
N SER A 189 -10.90 0.68 -11.14
CA SER A 189 -11.96 -0.11 -10.55
C SER A 189 -13.17 0.76 -10.22
N PHE A 190 -12.95 2.04 -9.92
CA PHE A 190 -14.08 2.90 -9.55
C PHE A 190 -14.71 3.59 -10.76
N THR A 191 -13.89 4.06 -11.69
CA THR A 191 -14.42 4.85 -12.80
C THR A 191 -15.30 4.00 -13.71
N SER A 192 -16.32 4.65 -14.26
CA SER A 192 -17.22 4.04 -15.26
C SER A 192 -17.39 5.08 -16.37
N SER A 193 -16.50 5.04 -17.34
CA SER A 193 -16.52 6.01 -18.45
C SER A 193 -15.51 5.53 -19.50
N LEU A 194 -15.45 6.25 -20.61
CA LEU A 194 -14.53 5.95 -21.69
C LEU A 194 -13.47 7.02 -21.88
N SER A 195 -13.56 8.15 -21.18
CA SER A 195 -12.53 9.18 -21.18
C SER A 195 -11.74 9.20 -19.89
N LEU A 196 -12.39 9.04 -18.73
CA LEU A 196 -11.67 8.92 -17.48
C LEU A 196 -10.87 7.62 -17.43
N ARG A 197 -11.34 6.58 -18.11
CA ARG A 197 -10.58 5.34 -18.19
C ARG A 197 -9.22 5.57 -18.84
N TYR A 198 -9.19 6.35 -19.92
CA TYR A 198 -7.93 6.61 -20.60
C TYR A 198 -6.92 7.26 -19.66
N PHE A 199 -7.32 8.36 -19.02
CA PHE A 199 -6.42 9.03 -18.08
C PHE A 199 -5.97 8.05 -17.00
N THR A 200 -6.94 7.45 -16.30
CA THR A 200 -6.62 6.70 -15.09
C THR A 200 -5.74 5.50 -15.40
N TYR A 201 -5.98 4.83 -16.52
CA TYR A 201 -5.12 3.69 -16.87
C TYR A 201 -3.80 4.19 -17.43
N GLY A 202 -3.82 4.83 -18.60
CA GLY A 202 -2.57 5.22 -19.20
C GLY A 202 -1.73 6.08 -18.29
N ILE A 203 -2.16 7.32 -18.05
CA ILE A 203 -1.26 8.33 -17.51
C ILE A 203 -0.80 7.93 -16.10
N LEU A 204 -1.67 7.28 -15.34
CA LEU A 204 -1.32 6.90 -13.97
C LEU A 204 -0.61 5.55 -13.92
N PHE A 205 -1.26 4.48 -14.37
CA PHE A 205 -0.69 3.16 -14.22
C PHE A 205 0.60 3.00 -15.02
N GLY A 206 0.63 3.46 -16.28
CA GLY A 206 1.83 3.29 -17.07
C GLY A 206 3.00 4.09 -16.53
N CYS A 207 2.75 5.32 -16.08
CA CYS A 207 3.81 6.13 -15.52
C CYS A 207 4.32 5.54 -14.20
N GLY A 208 3.42 5.05 -13.35
CA GLY A 208 3.85 4.39 -12.14
C GLY A 208 4.65 3.13 -12.43
N CYS A 209 4.25 2.40 -13.48
CA CYS A 209 5.00 1.22 -13.89
C CYS A 209 6.40 1.61 -14.36
N SER A 210 6.51 2.71 -15.12
CA SER A 210 7.82 3.19 -15.52
C SER A 210 8.68 3.50 -14.31
N PHE A 211 8.11 4.24 -13.35
CA PHE A 211 8.88 4.66 -12.18
C PHE A 211 9.31 3.46 -11.34
N ALA A 212 8.44 2.46 -11.21
CA ALA A 212 8.77 1.27 -10.45
C ALA A 212 9.71 0.33 -11.20
N PHE A 213 9.70 0.36 -12.53
CA PHE A 213 10.45 -0.57 -13.35
C PHE A 213 11.88 -0.12 -13.60
N GLN A 214 12.10 1.19 -13.76
CA GLN A 214 13.45 1.66 -14.04
C GLN A 214 14.44 1.29 -12.93
N PRO A 215 14.13 1.51 -11.65
CA PRO A 215 15.14 1.23 -10.60
C PRO A 215 15.37 -0.25 -10.33
N SER A 216 14.47 -1.14 -10.78
CA SER A 216 14.61 -2.55 -10.47
C SER A 216 15.85 -3.18 -11.09
N LEU A 217 16.39 -2.58 -12.16
CA LEU A 217 17.63 -3.04 -12.77
C LEU A 217 18.86 -2.39 -12.15
N VAL A 218 18.75 -1.11 -11.80
CA VAL A 218 19.86 -0.42 -11.17
C VAL A 218 20.15 -1.01 -9.81
N ILE A 219 19.13 -1.46 -9.08
CA ILE A 219 19.37 -2.08 -7.79
C ILE A 219 20.10 -3.42 -7.96
N LEU A 220 19.69 -4.21 -8.96
CA LEU A 220 20.41 -5.45 -9.26
C LEU A 220 21.87 -5.16 -9.56
N GLY A 221 22.13 -4.11 -10.33
CA GLY A 221 23.51 -3.71 -10.57
C GLY A 221 24.22 -3.28 -9.29
N HIS A 222 23.47 -2.65 -8.38
CA HIS A 222 24.04 -2.27 -7.09
C HIS A 222 24.54 -3.48 -6.33
N TYR A 223 23.74 -4.55 -6.28
CA TYR A 223 24.08 -5.69 -5.43
C TYR A 223 24.95 -6.73 -6.11
N PHE A 224 24.81 -6.93 -7.42
CA PHE A 224 25.61 -7.90 -8.17
C PHE A 224 26.47 -7.19 -9.20
N GLN A 225 27.76 -7.49 -9.20
CA GLN A 225 28.68 -7.02 -10.24
C GLN A 225 29.30 -8.17 -11.02
N ARG A 226 29.92 -9.13 -10.33
CA ARG A 226 30.52 -10.27 -11.02
C ARG A 226 29.47 -11.27 -11.48
N ARG A 227 28.37 -11.37 -10.76
CA ARG A 227 27.25 -12.24 -11.12
C ARG A 227 26.01 -11.41 -11.45
N LEU A 228 26.23 -10.26 -12.09
CA LEU A 228 25.12 -9.40 -12.48
C LEU A 228 24.30 -10.04 -13.60
N GLY A 229 24.98 -10.68 -14.56
CA GLY A 229 24.26 -11.32 -15.64
C GLY A 229 23.34 -12.42 -15.18
N LEU A 230 23.81 -13.23 -14.22
CA LEU A 230 22.97 -14.32 -13.71
C LEU A 230 21.74 -13.78 -12.99
N ALA A 231 21.91 -12.73 -12.19
CA ALA A 231 20.75 -12.14 -11.52
C ALA A 231 19.76 -11.57 -12.52
N ASN A 232 20.26 -10.88 -13.54
CA ASN A 232 19.38 -10.34 -14.57
C ASN A 232 18.66 -11.47 -15.30
N GLY A 233 19.36 -12.57 -15.57
CA GLY A 233 18.72 -13.70 -16.23
C GLY A 233 17.63 -14.33 -15.38
N VAL A 234 17.89 -14.46 -14.07
CA VAL A 234 16.87 -15.00 -13.17
C VAL A 234 15.64 -14.10 -13.19
N VAL A 235 15.85 -12.80 -13.06
CA VAL A 235 14.74 -11.85 -13.06
C VAL A 235 13.97 -11.96 -14.36
N SER A 236 14.67 -11.99 -15.50
CA SER A 236 14.01 -12.02 -16.79
C SER A 236 13.23 -13.32 -17.00
N ALA A 237 13.79 -14.46 -16.59
CA ALA A 237 13.09 -15.73 -16.76
C ALA A 237 11.83 -15.77 -15.91
N GLY A 238 11.93 -15.40 -14.63
CA GLY A 238 10.74 -15.34 -13.81
C GLY A 238 9.71 -14.38 -14.36
N SER A 239 10.17 -13.24 -14.85
CA SER A 239 9.25 -12.25 -15.43
C SER A 239 8.54 -12.81 -16.64
N SER A 240 9.26 -13.50 -17.52
CA SER A 240 8.66 -14.06 -18.71
C SER A 240 7.60 -15.10 -18.34
N ILE A 241 7.92 -15.99 -17.42
CA ILE A 241 6.95 -17.02 -17.04
C ILE A 241 5.72 -16.38 -16.45
N PHE A 242 5.90 -15.42 -15.54
CA PHE A 242 4.76 -14.76 -14.91
C PHE A 242 3.92 -14.02 -15.94
N SER A 243 4.57 -13.36 -16.91
CA SER A 243 3.83 -12.58 -17.90
C SER A 243 2.99 -13.47 -18.79
N MET A 244 3.55 -14.59 -19.27
CA MET A 244 2.75 -15.46 -20.13
C MET A 244 1.77 -16.31 -19.33
N SER A 245 1.88 -16.36 -18.00
CA SER A 245 0.88 -17.04 -17.18
C SER A 245 -0.25 -16.14 -16.71
N PHE A 246 -0.02 -14.83 -16.62
CA PHE A 246 -1.04 -13.93 -16.08
C PHE A 246 -2.35 -13.93 -16.87
N PRO A 247 -2.34 -13.75 -18.19
CA PRO A 247 -3.62 -13.56 -18.90
C PRO A 247 -4.60 -14.72 -18.73
N PHE A 248 -4.12 -15.96 -18.61
CA PHE A 248 -5.04 -17.07 -18.39
C PHE A 248 -5.78 -16.92 -17.07
N LEU A 249 -5.05 -16.55 -16.01
CA LEU A 249 -5.68 -16.33 -14.72
C LEU A 249 -6.65 -15.16 -14.78
N ILE A 250 -6.30 -14.10 -15.52
CA ILE A 250 -7.20 -12.97 -15.66
C ILE A 250 -8.48 -13.39 -16.37
N ARG A 251 -8.37 -14.23 -17.41
CA ARG A 251 -9.55 -14.74 -18.10
C ARG A 251 -10.41 -15.57 -17.16
N MET A 252 -9.79 -16.44 -16.37
CA MET A 252 -10.57 -17.26 -15.43
C MET A 252 -11.29 -16.37 -14.42
N LEU A 253 -10.61 -15.34 -13.92
CA LEU A 253 -11.27 -14.41 -12.99
C LEU A 253 -12.43 -13.70 -13.66
N GLY A 254 -12.23 -13.25 -14.90
CA GLY A 254 -13.30 -12.60 -15.62
C GLY A 254 -14.52 -13.48 -15.79
N ASP A 255 -14.30 -14.78 -16.01
CA ASP A 255 -15.41 -15.71 -16.10
C ASP A 255 -16.21 -15.82 -14.80
N LYS A 256 -15.65 -15.36 -13.68
CA LYS A 256 -16.31 -15.46 -12.37
C LYS A 256 -16.79 -14.11 -11.85
N ILE A 257 -15.91 -13.12 -11.78
CA ILE A 257 -16.26 -11.82 -11.22
C ILE A 257 -16.27 -10.76 -12.30
N LYS A 258 -16.64 -9.53 -11.93
CA LYS A 258 -16.82 -8.45 -12.89
C LYS A 258 -15.51 -7.70 -13.08
N LEU A 259 -15.57 -6.54 -13.76
CA LEU A 259 -14.36 -5.80 -14.08
C LEU A 259 -13.79 -5.10 -12.86
N ALA A 260 -14.65 -4.53 -12.01
CA ALA A 260 -14.18 -3.79 -10.86
C ALA A 260 -13.39 -4.67 -9.91
N GLN A 261 -13.89 -5.88 -9.63
CA GLN A 261 -13.18 -6.79 -8.75
C GLN A 261 -11.85 -7.24 -9.35
N THR A 262 -11.81 -7.45 -10.66
CA THR A 262 -10.56 -7.78 -11.32
C THR A 262 -9.54 -6.66 -11.18
N PHE A 263 -10.00 -5.41 -11.37
CA PHE A 263 -9.11 -4.28 -11.16
C PHE A 263 -8.64 -4.21 -9.71
N GLN A 264 -9.50 -4.57 -8.77
CA GLN A 264 -9.10 -4.61 -7.37
C GLN A 264 -8.00 -5.65 -7.13
N VAL A 265 -8.12 -6.81 -7.79
CA VAL A 265 -7.09 -7.83 -7.68
C VAL A 265 -5.77 -7.33 -8.24
N LEU A 266 -5.82 -6.67 -9.40
CA LEU A 266 -4.60 -6.08 -9.95
C LEU A 266 -4.03 -5.03 -9.00
N SER A 267 -4.90 -4.29 -8.34
CA SER A 267 -4.45 -3.27 -7.40
C SER A 267 -3.72 -3.89 -6.22
N THR A 268 -4.22 -5.01 -5.69
CA THR A 268 -3.50 -5.66 -4.60
C THR A 268 -2.19 -6.27 -5.09
N PHE A 269 -2.14 -6.73 -6.34
CA PHE A 269 -0.85 -7.10 -6.92
C PHE A 269 0.13 -5.94 -6.85
N MET A 270 -0.31 -4.76 -7.29
CA MET A 270 0.55 -3.57 -7.22
C MET A 270 0.92 -3.23 -5.79
N PHE A 271 0.00 -3.46 -4.85
CA PHE A 271 0.27 -3.19 -3.44
C PHE A 271 1.39 -4.07 -2.92
N VAL A 272 1.32 -5.36 -3.20
CA VAL A 272 2.39 -6.27 -2.80
C VAL A 272 3.70 -5.87 -3.47
N LEU A 273 3.61 -5.42 -4.73
CA LEU A 273 4.81 -4.93 -5.41
C LEU A 273 5.45 -3.79 -4.63
N MET A 274 4.64 -2.80 -4.24
CA MET A 274 5.18 -1.66 -3.50
C MET A 274 5.80 -2.11 -2.18
N LEU A 275 5.14 -3.04 -1.49
CA LEU A 275 5.71 -3.56 -0.25
C LEU A 275 7.07 -4.20 -0.50
N LEU A 276 7.19 -4.97 -1.57
CA LEU A 276 8.45 -5.64 -1.87
C LEU A 276 9.53 -4.65 -2.30
N SER A 277 9.14 -3.52 -2.90
CA SER A 277 10.13 -2.58 -3.40
C SER A 277 10.88 -1.84 -2.30
N LEU A 278 10.51 -2.04 -1.04
CA LEU A 278 11.23 -1.41 0.06
C LEU A 278 12.52 -2.15 0.39
N THR A 279 12.79 -3.29 -0.24
CA THR A 279 14.03 -4.04 -0.05
C THR A 279 15.12 -3.57 -1.02
N TYR A 280 15.08 -2.32 -1.45
CA TYR A 280 16.04 -1.75 -2.38
C TYR A 280 17.10 -0.93 -1.65
N ARG A 281 17.52 -1.42 -0.48
CA ARG A 281 18.42 -0.65 0.36
C ARG A 281 19.67 -0.26 -0.43
N PRO A 282 20.05 1.02 -0.46
CA PRO A 282 21.20 1.42 -1.27
C PRO A 282 22.49 0.77 -0.79
N LEU A 283 23.38 0.50 -1.74
CA LEU A 283 24.67 -0.12 -1.46
C LEU A 283 25.85 0.69 -1.96
N LEU A 284 25.65 1.58 -2.93
CA LEU A 284 26.71 2.42 -3.48
C LEU A 284 26.22 3.86 -3.52
N PRO A 285 27.14 4.82 -3.51
CA PRO A 285 26.76 6.22 -3.27
C PRO A 285 25.73 6.73 -4.26
N SER A 286 25.23 7.92 -3.97
CA SER A 286 24.25 8.59 -4.84
C SER A 286 24.78 9.93 -5.30
N LEU A 304 17.61 27.88 -14.53
CA LEU A 304 18.03 27.29 -15.78
C LEU A 304 19.21 26.35 -15.56
N ALA A 305 20.02 26.65 -14.54
CA ALA A 305 21.16 25.80 -14.23
C ALA A 305 20.72 24.41 -13.80
N GLN A 306 19.62 24.33 -13.05
CA GLN A 306 19.12 23.02 -12.63
C GLN A 306 18.70 22.18 -13.82
N LEU A 307 18.23 22.82 -14.90
CA LEU A 307 17.89 22.08 -16.09
C LEU A 307 19.11 21.39 -16.68
N ARG A 308 20.25 22.10 -16.73
CA ARG A 308 21.47 21.50 -17.24
C ARG A 308 22.06 20.50 -16.24
N LYS A 309 21.71 20.63 -14.96
CA LYS A 309 22.17 19.66 -13.98
C LYS A 309 21.41 18.35 -14.11
N TYR A 310 20.09 18.42 -14.32
CA TYR A 310 19.28 17.21 -14.47
C TYR A 310 19.46 16.56 -15.83
N PHE A 311 19.79 17.35 -16.85
CA PHE A 311 19.91 16.85 -18.21
C PHE A 311 21.33 17.08 -18.72
N ASN A 312 22.32 16.70 -17.92
CA ASN A 312 23.71 16.87 -18.31
C ASN A 312 24.02 16.16 -19.61
N MET A 313 23.48 14.95 -19.79
CA MET A 313 23.72 14.13 -20.98
C MET A 313 25.19 13.76 -21.09
N ARG A 314 25.69 13.06 -20.06
CA ARG A 314 27.08 12.62 -20.03
C ARG A 314 27.30 11.26 -20.67
N VAL A 315 26.33 10.35 -20.58
CA VAL A 315 26.47 9.05 -21.23
C VAL A 315 26.53 9.18 -22.75
N PHE A 316 25.99 10.26 -23.31
CA PHE A 316 26.04 10.51 -24.75
C PHE A 316 27.37 11.08 -25.19
N ARG A 317 28.29 11.32 -24.26
CA ARG A 317 29.65 11.72 -24.61
C ARG A 317 30.53 10.53 -24.99
N GLN A 318 30.01 9.31 -24.86
CA GLN A 318 30.75 8.09 -25.20
C GLN A 318 30.22 7.55 -26.51
N ARG A 319 31.11 7.35 -27.48
CA ARG A 319 30.69 6.87 -28.79
C ARG A 319 30.13 5.46 -28.72
N THR A 320 30.72 4.61 -27.88
CA THR A 320 30.26 3.22 -27.79
C THR A 320 28.81 3.16 -27.34
N TYR A 321 28.47 3.90 -26.28
CA TYR A 321 27.08 3.93 -25.82
C TYR A 321 26.17 4.53 -26.88
N ARG A 322 26.61 5.60 -27.54
CA ARG A 322 25.78 6.22 -28.56
C ARG A 322 25.41 5.22 -29.64
N ILE A 323 26.40 4.52 -30.20
CA ILE A 323 26.12 3.60 -31.30
C ILE A 323 25.33 2.39 -30.80
N TRP A 324 25.63 1.91 -29.59
CA TRP A 324 24.89 0.78 -29.05
C TRP A 324 23.41 1.11 -28.91
N ALA A 325 23.10 2.27 -28.31
CA ALA A 325 21.71 2.66 -28.13
C ALA A 325 21.04 2.93 -29.48
N PHE A 326 21.77 3.52 -30.42
CA PHE A 326 21.19 3.79 -31.73
C PHE A 326 20.82 2.49 -32.44
N GLY A 327 21.70 1.49 -32.37
CA GLY A 327 21.38 0.20 -32.98
C GLY A 327 20.20 -0.48 -32.31
N ILE A 328 20.17 -0.46 -30.98
CA ILE A 328 19.05 -1.09 -30.28
C ILE A 328 17.74 -0.38 -30.61
N ALA A 329 17.79 0.94 -30.78
CA ALA A 329 16.58 1.68 -31.14
C ALA A 329 16.18 1.41 -32.58
N ALA A 330 17.15 1.21 -33.47
CA ALA A 330 16.83 0.93 -34.86
C ALA A 330 16.24 -0.46 -35.05
N ALA A 331 16.64 -1.42 -34.22
CA ALA A 331 16.19 -2.79 -34.40
C ALA A 331 14.77 -3.04 -33.89
N ALA A 332 14.21 -2.14 -33.07
CA ALA A 332 13.05 -2.48 -32.26
C ALA A 332 11.82 -2.81 -33.10
N LEU A 333 11.57 -2.01 -34.15
CA LEU A 333 10.36 -2.22 -34.94
C LEU A 333 10.23 -3.68 -35.39
N GLY A 334 11.21 -4.13 -36.18
CA GLY A 334 11.20 -5.49 -36.69
C GLY A 334 11.49 -6.51 -35.62
N TYR A 335 12.12 -6.11 -34.52
CA TYR A 335 12.31 -7.04 -33.42
C TYR A 335 10.98 -7.44 -32.81
N PHE A 336 10.07 -6.48 -32.64
CA PHE A 336 8.82 -6.73 -31.94
C PHE A 336 7.65 -7.05 -32.86
N VAL A 337 7.77 -6.83 -34.18
CA VAL A 337 6.67 -7.20 -35.08
C VAL A 337 6.34 -8.69 -35.00
N PRO A 338 7.31 -9.61 -35.16
CA PRO A 338 6.94 -11.04 -35.24
C PRO A 338 6.21 -11.56 -34.01
N TYR A 339 6.63 -11.13 -32.81
CA TYR A 339 6.02 -11.68 -31.61
C TYR A 339 4.54 -11.34 -31.53
N VAL A 340 4.17 -10.12 -31.90
CA VAL A 340 2.77 -9.74 -31.90
C VAL A 340 2.01 -10.44 -33.02
N HIS A 341 2.60 -10.52 -34.21
CA HIS A 341 1.84 -10.90 -35.39
C HIS A 341 1.88 -12.40 -35.72
N LEU A 342 2.64 -13.21 -34.99
CA LEU A 342 2.71 -14.63 -35.30
C LEU A 342 1.38 -15.32 -35.08
N MET A 343 0.70 -15.00 -33.97
CA MET A 343 -0.59 -15.65 -33.70
C MET A 343 -1.60 -15.34 -34.78
N LYS A 344 -1.68 -14.07 -35.21
CA LYS A 344 -2.59 -13.71 -36.28
C LYS A 344 -2.20 -14.40 -37.58
N TYR A 345 -0.91 -14.48 -37.88
CA TYR A 345 -0.48 -15.15 -39.11
C TYR A 345 -0.91 -16.61 -39.12
N VAL A 346 -0.71 -17.31 -38.00
CA VAL A 346 -1.07 -18.73 -37.95
C VAL A 346 -2.59 -18.89 -38.00
N GLU A 347 -3.32 -17.99 -37.34
CA GLU A 347 -4.79 -18.08 -37.38
C GLU A 347 -5.31 -17.89 -38.79
N GLU A 348 -4.73 -16.94 -39.54
CA GLU A 348 -5.19 -16.70 -40.90
C GLU A 348 -4.76 -17.82 -41.84
N GLU A 349 -3.46 -18.07 -41.95
CA GLU A 349 -2.98 -19.04 -42.92
C GLU A 349 -3.32 -20.46 -42.52
N PHE A 350 -3.12 -20.80 -41.25
CA PHE A 350 -3.33 -22.15 -40.75
C PHE A 350 -4.65 -22.19 -39.98
N SER A 351 -5.72 -22.50 -40.69
CA SER A 351 -7.05 -22.62 -40.09
C SER A 351 -7.47 -24.05 -39.85
N GLU A 352 -6.71 -25.03 -40.34
CA GLU A 352 -7.08 -26.44 -40.21
C GLU A 352 -6.37 -27.12 -39.04
N ILE A 353 -5.52 -26.41 -38.30
CA ILE A 353 -4.83 -26.95 -37.14
C ILE A 353 -5.43 -26.33 -35.89
N LYS A 354 -5.76 -27.18 -34.91
CA LYS A 354 -6.42 -26.73 -33.70
C LYS A 354 -5.51 -26.74 -32.48
N GLU A 355 -4.32 -27.33 -32.57
CA GLU A 355 -3.38 -27.35 -31.45
C GLU A 355 -2.47 -26.12 -31.50
N THR A 356 -3.09 -24.96 -31.38
CA THR A 356 -2.36 -23.69 -31.45
C THR A 356 -1.69 -23.32 -30.14
N TRP A 357 -2.04 -23.97 -29.03
CA TRP A 357 -1.38 -23.70 -27.76
C TRP A 357 0.02 -24.27 -27.70
N VAL A 358 0.35 -25.23 -28.57
CA VAL A 358 1.70 -25.77 -28.62
C VAL A 358 2.68 -24.67 -28.97
N LEU A 359 2.28 -23.77 -29.88
CA LEU A 359 3.14 -22.65 -30.25
C LEU A 359 3.46 -21.79 -29.05
N LEU A 360 2.44 -21.44 -28.26
CA LEU A 360 2.64 -20.61 -27.09
C LEU A 360 3.53 -21.31 -26.07
N VAL A 361 3.30 -22.62 -25.86
CA VAL A 361 4.11 -23.36 -24.90
C VAL A 361 5.57 -23.36 -25.33
N CYS A 362 5.82 -23.62 -26.62
CA CYS A 362 7.19 -23.64 -27.12
C CYS A 362 7.86 -22.27 -26.93
N ILE A 363 7.17 -21.21 -27.35
CA ILE A 363 7.74 -19.87 -27.21
C ILE A 363 8.08 -19.59 -25.75
N GLY A 364 7.13 -19.82 -24.85
CA GLY A 364 7.37 -19.47 -23.45
C GLY A 364 8.49 -20.27 -22.83
N ALA A 365 8.47 -21.60 -23.04
CA ALA A 365 9.49 -22.45 -22.45
C ALA A 365 10.87 -22.07 -22.96
N THR A 366 11.03 -22.01 -24.28
CA THR A 366 12.35 -21.70 -24.82
C THR A 366 12.78 -20.28 -24.49
N SER A 367 11.84 -19.35 -24.35
CA SER A 367 12.20 -17.98 -24.01
C SER A 367 12.73 -17.89 -22.58
N GLY A 368 12.05 -18.54 -21.64
CA GLY A 368 12.56 -18.56 -20.28
C GLY A 368 13.90 -19.26 -20.18
N LEU A 369 14.03 -20.41 -20.85
CA LEU A 369 15.29 -21.14 -20.83
C LEU A 369 16.42 -20.30 -21.41
N GLY A 370 16.16 -19.64 -22.53
CA GLY A 370 17.17 -18.80 -23.14
C GLY A 370 17.52 -17.60 -22.30
N ARG A 371 16.53 -16.98 -21.64
CA ARG A 371 16.83 -15.88 -20.75
C ARG A 371 17.80 -16.33 -19.66
N LEU A 372 17.48 -17.43 -18.99
CA LEU A 372 18.34 -17.91 -17.92
C LEU A 372 19.74 -18.23 -18.44
N VAL A 373 19.81 -18.96 -19.56
CA VAL A 373 21.11 -19.39 -20.06
C VAL A 373 21.95 -18.20 -20.51
N SER A 374 21.34 -17.26 -21.24
CA SER A 374 22.08 -16.10 -21.70
C SER A 374 22.57 -15.26 -20.54
N GLY A 375 21.71 -15.04 -19.54
CA GLY A 375 22.14 -14.30 -18.37
C GLY A 375 23.30 -14.97 -17.67
N HIS A 376 23.26 -16.30 -17.56
CA HIS A 376 24.35 -17.01 -16.90
C HIS A 376 25.65 -16.91 -17.70
N ILE A 377 25.57 -17.10 -19.02
CA ILE A 377 26.80 -17.20 -19.81
C ILE A 377 27.39 -15.83 -20.16
N SER A 378 26.60 -14.76 -20.13
CA SER A 378 27.17 -13.45 -20.41
C SER A 378 28.20 -13.03 -19.37
N ASP A 379 28.21 -13.65 -18.20
CA ASP A 379 29.23 -13.35 -17.20
C ASP A 379 30.59 -13.89 -17.59
N SER A 380 30.63 -14.93 -18.42
CA SER A 380 31.89 -15.52 -18.87
C SER A 380 32.52 -14.73 -20.01
N ILE A 381 31.80 -13.81 -20.62
CA ILE A 381 32.31 -12.99 -21.72
C ILE A 381 32.99 -11.77 -21.12
N PRO A 382 34.30 -11.54 -21.36
CA PRO A 382 35.03 -10.57 -20.55
C PRO A 382 34.49 -9.15 -20.55
N GLY A 383 34.43 -8.51 -21.72
CA GLY A 383 34.16 -7.08 -21.79
C GLY A 383 32.96 -6.72 -22.64
N LEU A 384 33.19 -5.90 -23.67
CA LEU A 384 32.14 -5.53 -24.60
C LEU A 384 31.80 -6.65 -25.59
N LYS A 385 32.57 -7.74 -25.57
CA LYS A 385 32.31 -8.84 -26.49
C LYS A 385 30.91 -9.42 -26.29
N LYS A 386 30.32 -9.24 -25.10
CA LYS A 386 28.97 -9.74 -24.88
C LYS A 386 27.97 -9.08 -25.81
N ILE A 387 28.29 -7.88 -26.31
CA ILE A 387 27.43 -7.24 -27.31
C ILE A 387 27.17 -8.20 -28.46
N TYR A 388 28.15 -9.03 -28.80
CA TYR A 388 27.99 -9.95 -29.92
C TYR A 388 26.78 -10.84 -29.72
N LEU A 389 26.54 -11.29 -28.48
CA LEU A 389 25.35 -12.09 -28.23
C LEU A 389 24.12 -11.40 -28.80
N GLN A 390 23.95 -10.12 -28.48
CA GLN A 390 22.79 -9.38 -28.96
C GLN A 390 22.71 -9.42 -30.48
N VAL A 391 23.85 -9.26 -31.17
CA VAL A 391 23.79 -9.24 -32.62
C VAL A 391 23.24 -10.56 -33.14
N LEU A 392 23.60 -11.66 -32.50
CA LEU A 392 23.02 -12.95 -32.89
C LEU A 392 21.50 -12.91 -32.72
N SER A 393 21.03 -12.42 -31.57
CA SER A 393 19.61 -12.29 -31.37
C SER A 393 18.98 -11.38 -32.42
N PHE A 394 19.75 -10.44 -32.97
CA PHE A 394 19.23 -9.58 -34.03
C PHE A 394 19.39 -10.23 -35.39
N LEU A 395 20.39 -11.09 -35.58
CA LEU A 395 20.60 -11.70 -36.88
C LEU A 395 19.60 -12.80 -37.14
N LEU A 396 19.63 -13.86 -36.32
CA LEU A 396 18.74 -14.99 -36.53
C LEU A 396 17.28 -14.53 -36.62
N LEU A 397 16.85 -13.73 -35.64
CA LEU A 397 15.49 -13.22 -35.66
C LEU A 397 15.17 -12.59 -37.01
N GLY A 398 16.05 -11.70 -37.48
CA GLY A 398 15.88 -11.11 -38.78
C GLY A 398 15.59 -12.18 -39.81
N LEU A 399 16.53 -13.12 -39.96
CA LEU A 399 16.32 -14.20 -40.92
C LEU A 399 15.02 -14.93 -40.63
N MET A 400 14.75 -15.23 -39.35
CA MET A 400 13.52 -15.92 -39.02
C MET A 400 12.31 -15.13 -39.48
N SER A 401 12.34 -13.81 -39.29
CA SER A 401 11.22 -12.98 -39.71
C SER A 401 10.98 -13.11 -41.21
N MET A 402 12.04 -13.35 -41.99
CA MET A 402 11.91 -13.49 -43.43
C MET A 402 11.56 -14.91 -43.86
N MET A 403 11.53 -15.87 -42.93
CA MET A 403 11.20 -17.25 -43.25
C MET A 403 9.83 -17.67 -42.72
N ILE A 404 9.15 -16.82 -41.95
CA ILE A 404 7.80 -17.16 -41.50
C ILE A 404 6.87 -17.37 -42.69
N PRO A 405 6.87 -16.53 -43.72
CA PRO A 405 6.01 -16.82 -44.89
C PRO A 405 6.61 -17.86 -45.82
N LEU A 406 7.17 -18.92 -45.24
CA LEU A 406 7.71 -20.03 -46.02
C LEU A 406 7.40 -21.39 -45.41
N CYS A 407 6.73 -21.44 -44.25
CA CYS A 407 6.49 -22.70 -43.56
C CYS A 407 5.18 -23.29 -44.04
N ARG A 408 5.27 -24.45 -44.70
CA ARG A 408 4.08 -25.16 -45.16
C ARG A 408 3.63 -26.25 -44.19
N ASP A 409 4.33 -26.43 -43.06
CA ASP A 409 4.07 -27.53 -42.15
C ASP A 409 4.08 -27.04 -40.71
N PHE A 410 3.42 -27.80 -39.85
CA PHE A 410 3.34 -27.46 -38.43
C PHE A 410 4.71 -27.47 -37.77
N GLY A 411 5.54 -28.45 -38.13
CA GLY A 411 6.87 -28.54 -37.53
C GLY A 411 7.72 -27.31 -37.82
N GLY A 412 7.62 -26.77 -39.03
CA GLY A 412 8.33 -25.54 -39.32
C GLY A 412 7.89 -24.40 -38.43
N LEU A 413 6.58 -24.30 -38.18
CA LEU A 413 6.08 -23.28 -37.27
C LEU A 413 6.63 -23.48 -35.87
N ILE A 414 6.69 -24.74 -35.41
CA ILE A 414 7.23 -25.01 -34.09
C ILE A 414 8.70 -24.59 -34.00
N VAL A 415 9.48 -24.91 -35.04
CA VAL A 415 10.88 -24.52 -35.06
C VAL A 415 11.04 -23.01 -35.04
N VAL A 416 10.21 -22.31 -35.83
CA VAL A 416 10.26 -20.85 -35.84
C VAL A 416 9.93 -20.30 -34.46
N CYS A 417 8.95 -20.88 -33.78
CA CYS A 417 8.62 -20.42 -32.43
C CYS A 417 9.79 -20.62 -31.47
N LEU A 418 10.43 -21.79 -31.54
CA LEU A 418 11.58 -22.04 -30.68
C LEU A 418 12.67 -21.01 -30.92
N PHE A 419 12.99 -20.76 -32.18
CA PHE A 419 14.03 -19.79 -32.50
C PHE A 419 13.62 -18.38 -32.08
N LEU A 420 12.33 -18.06 -32.21
CA LEU A 420 11.86 -16.74 -31.79
C LEU A 420 12.09 -16.54 -30.30
N GLY A 421 11.76 -17.54 -29.48
CA GLY A 421 12.00 -17.41 -28.05
C GLY A 421 13.48 -17.33 -27.71
N LEU A 422 14.29 -18.16 -28.37
CA LEU A 422 15.73 -18.11 -28.14
C LEU A 422 16.29 -16.72 -28.45
N CYS A 423 15.88 -16.14 -29.59
CA CYS A 423 16.31 -14.80 -29.93
C CYS A 423 15.79 -13.77 -28.93
N ASP A 424 14.56 -13.95 -28.45
CA ASP A 424 14.00 -13.00 -27.50
C ASP A 424 14.82 -12.93 -26.22
N GLY A 425 15.23 -14.08 -25.70
CA GLY A 425 15.86 -14.10 -24.39
C GLY A 425 17.15 -13.31 -24.27
N PHE A 426 18.11 -13.61 -25.15
CA PHE A 426 19.44 -13.01 -25.06
C PHE A 426 19.35 -11.49 -25.10
N PHE A 427 18.60 -10.95 -26.06
CA PHE A 427 18.48 -9.52 -26.23
C PHE A 427 18.27 -8.82 -24.89
N ILE A 428 17.16 -9.10 -24.21
CA ILE A 428 16.85 -8.40 -22.97
C ILE A 428 17.88 -8.74 -21.90
N THR A 429 18.13 -10.05 -21.72
CA THR A 429 18.86 -10.49 -20.54
C THR A 429 20.28 -9.95 -20.53
N ILE A 430 20.85 -9.67 -21.70
CA ILE A 430 22.15 -9.01 -21.74
C ILE A 430 22.03 -7.50 -21.94
N MET A 431 20.95 -7.02 -22.56
CA MET A 431 20.78 -5.58 -22.72
C MET A 431 20.92 -4.90 -21.36
N ALA A 432 20.43 -5.54 -20.31
CA ALA A 432 20.62 -4.94 -18.98
C ALA A 432 22.09 -4.93 -18.56
N PRO A 433 22.76 -6.08 -18.41
CA PRO A 433 24.18 -6.04 -18.00
C PRO A 433 25.11 -5.29 -18.94
N ILE A 434 24.88 -5.33 -20.26
CA ILE A 434 25.72 -4.57 -21.17
C ILE A 434 25.55 -3.08 -20.93
N ALA A 435 24.32 -2.64 -20.64
CA ALA A 435 24.10 -1.25 -20.28
C ALA A 435 24.88 -0.89 -19.01
N PHE A 436 24.91 -1.78 -18.03
CA PHE A 436 25.70 -1.49 -16.83
C PHE A 436 27.20 -1.50 -17.10
N GLU A 437 27.66 -2.34 -18.03
CA GLU A 437 29.09 -2.48 -18.28
C GLU A 437 29.63 -1.30 -19.09
N LEU A 438 28.84 -0.78 -20.03
CA LEU A 438 29.36 0.23 -20.96
C LEU A 438 29.82 1.47 -20.21
N VAL A 439 29.06 1.92 -19.22
CA VAL A 439 29.24 3.23 -18.63
C VAL A 439 29.61 3.18 -17.15
N GLY A 440 29.40 2.06 -16.46
CA GLY A 440 29.75 1.94 -15.07
C GLY A 440 28.55 2.03 -14.16
N PRO A 441 28.73 1.70 -12.87
CA PRO A 441 27.61 1.73 -11.94
C PRO A 441 27.12 3.15 -11.63
N MET A 442 27.94 4.17 -11.82
CA MET A 442 27.48 5.53 -11.59
C MET A 442 26.48 5.95 -12.65
N GLN A 443 26.89 5.96 -13.91
CA GLN A 443 26.02 6.36 -15.01
C GLN A 443 25.29 5.15 -15.60
N ALA A 444 24.67 4.35 -14.74
CA ALA A 444 23.90 3.19 -15.17
C ALA A 444 22.41 3.48 -15.26
N SER A 445 21.86 4.19 -14.28
CA SER A 445 20.46 4.57 -14.34
C SER A 445 20.19 5.45 -15.55
N GLN A 446 21.07 6.42 -15.80
CA GLN A 446 20.90 7.30 -16.95
C GLN A 446 20.95 6.53 -18.26
N ALA A 447 21.92 5.63 -18.39
CA ALA A 447 22.06 4.85 -19.62
C ALA A 447 20.84 3.97 -19.85
N ILE A 448 20.38 3.29 -18.80
CA ILE A 448 19.21 2.43 -18.93
C ILE A 448 17.99 3.26 -19.31
N GLY A 449 17.80 4.39 -18.62
CA GLY A 449 16.63 5.21 -18.89
C GLY A 449 16.60 5.73 -20.30
N TYR A 450 17.74 6.18 -20.81
CA TYR A 450 17.74 6.75 -22.16
C TYR A 450 17.72 5.68 -23.24
N LEU A 451 18.31 4.51 -23.00
CA LEU A 451 18.10 3.41 -23.93
C LEU A 451 16.62 3.06 -24.03
N LEU A 452 15.95 2.98 -22.87
CA LEU A 452 14.52 2.68 -22.87
C LEU A 452 13.74 3.78 -23.58
N GLY A 453 14.08 5.05 -23.32
CA GLY A 453 13.37 6.15 -23.95
C GLY A 453 13.52 6.14 -25.46
N MET A 454 14.72 5.83 -25.95
CA MET A 454 14.92 5.74 -27.39
C MET A 454 14.19 4.56 -27.98
N MET A 455 14.13 3.43 -27.26
CA MET A 455 13.39 2.28 -27.77
C MET A 455 11.88 2.51 -27.73
N ALA A 456 11.42 3.46 -26.90
CA ALA A 456 9.99 3.62 -26.66
C ALA A 456 9.21 3.77 -27.96
N LEU A 457 9.65 4.68 -28.84
CA LEU A 457 8.82 5.00 -30.00
C LEU A 457 8.85 3.90 -31.06
N PRO A 458 10.01 3.44 -31.54
CA PRO A 458 9.99 2.42 -32.61
C PRO A 458 9.27 1.15 -32.22
N MET A 459 9.39 0.73 -30.95
CA MET A 459 8.74 -0.51 -30.53
C MET A 459 7.22 -0.39 -30.62
N ILE A 460 6.68 0.77 -30.23
CA ILE A 460 5.23 0.98 -30.35
C ILE A 460 4.84 1.11 -31.82
N ALA A 461 5.68 1.76 -32.62
CA ALA A 461 5.31 2.04 -34.00
C ALA A 461 5.36 0.80 -34.88
N GLY A 462 6.19 -0.18 -34.53
CA GLY A 462 6.42 -1.33 -35.38
C GLY A 462 5.17 -2.12 -35.74
N PRO A 463 4.57 -2.77 -34.75
CA PRO A 463 3.43 -3.67 -35.03
C PRO A 463 2.30 -2.95 -35.74
N PRO A 464 1.99 -1.71 -35.37
CA PRO A 464 0.98 -0.97 -36.16
C PRO A 464 1.33 -0.88 -37.64
N ILE A 465 2.59 -0.61 -37.95
CA ILE A 465 3.00 -0.52 -39.35
C ILE A 465 2.92 -1.89 -40.01
N ALA A 466 3.27 -2.94 -39.28
CA ALA A 466 3.14 -4.29 -39.82
C ALA A 466 1.69 -4.60 -40.17
N GLY A 467 0.76 -4.25 -39.28
CA GLY A 467 -0.65 -4.46 -39.58
C GLY A 467 -1.13 -3.64 -40.78
N LEU A 468 -0.70 -2.38 -40.84
CA LEU A 468 -1.07 -1.54 -41.98
C LEU A 468 -0.55 -2.13 -43.27
N LEU A 469 0.68 -2.62 -43.27
CA LEU A 469 1.22 -3.28 -44.46
C LEU A 469 0.44 -4.53 -44.80
N ARG A 470 0.03 -5.30 -43.79
CA ARG A 470 -0.76 -6.49 -44.05
C ARG A 470 -2.08 -6.14 -44.73
N ASN A 471 -2.73 -5.07 -44.29
CA ASN A 471 -4.04 -4.71 -44.85
C ASN A 471 -3.94 -4.36 -46.33
N CYS A 472 -2.86 -3.68 -46.74
CA CYS A 472 -2.79 -3.12 -48.08
C CYS A 472 -2.45 -4.15 -49.15
N PHE A 473 -1.93 -5.32 -48.78
CA PHE A 473 -1.59 -6.35 -49.75
C PHE A 473 -2.35 -7.66 -49.55
N GLY A 474 -3.13 -7.79 -48.49
CA GLY A 474 -3.94 -8.97 -48.29
C GLY A 474 -3.22 -10.17 -47.71
N ASP A 475 -1.95 -10.02 -47.33
CA ASP A 475 -1.20 -11.13 -46.76
C ASP A 475 -0.07 -10.57 -45.91
N TYR A 476 0.45 -11.42 -45.02
CA TYR A 476 1.50 -11.03 -44.09
C TYR A 476 2.90 -11.16 -44.67
N HIS A 477 3.03 -11.67 -45.90
CA HIS A 477 4.35 -11.93 -46.46
C HIS A 477 5.19 -10.66 -46.50
N VAL A 478 4.65 -9.60 -47.09
CA VAL A 478 5.41 -8.35 -47.20
C VAL A 478 5.68 -7.76 -45.83
N ALA A 479 4.71 -7.89 -44.91
CA ALA A 479 4.90 -7.33 -43.57
C ALA A 479 6.09 -7.97 -42.88
N PHE A 480 6.17 -9.30 -42.90
CA PHE A 480 7.28 -9.99 -42.27
C PHE A 480 8.60 -9.73 -43.02
N TYR A 481 8.54 -9.69 -44.35
CA TYR A 481 9.74 -9.40 -45.12
C TYR A 481 10.31 -8.04 -44.74
N PHE A 482 9.44 -7.04 -44.55
CA PHE A 482 9.91 -5.71 -44.18
C PHE A 482 10.37 -5.68 -42.73
N ALA A 483 9.66 -6.37 -41.84
CA ALA A 483 10.04 -6.38 -40.43
C ALA A 483 11.35 -7.12 -40.20
N GLY A 484 11.76 -7.99 -41.12
CA GLY A 484 13.02 -8.69 -40.95
C GLY A 484 14.25 -7.85 -41.16
N VAL A 485 14.10 -6.65 -41.74
CA VAL A 485 15.24 -5.83 -42.15
C VAL A 485 15.78 -5.00 -40.98
N PRO A 486 14.95 -4.28 -40.24
CA PRO A 486 15.48 -3.37 -39.20
C PRO A 486 16.35 -4.12 -38.21
N PRO A 487 15.97 -5.33 -37.79
CA PRO A 487 16.86 -6.09 -36.90
C PRO A 487 18.22 -6.38 -37.51
N ILE A 488 18.27 -6.68 -38.81
CA ILE A 488 19.54 -6.93 -39.46
C ILE A 488 20.37 -5.66 -39.50
N ILE A 489 19.74 -4.52 -39.79
CA ILE A 489 20.47 -3.26 -39.81
C ILE A 489 21.02 -2.95 -38.42
N GLY A 490 20.22 -3.18 -37.39
CA GLY A 490 20.69 -2.98 -36.03
C GLY A 490 21.84 -3.89 -35.66
N ALA A 491 21.78 -5.15 -36.10
CA ALA A 491 22.88 -6.07 -35.85
C ALA A 491 24.16 -5.59 -36.52
N VAL A 492 24.05 -5.14 -37.78
CA VAL A 492 25.23 -4.63 -38.47
C VAL A 492 25.79 -3.41 -37.76
N ILE A 493 24.91 -2.52 -37.28
CA ILE A 493 25.37 -1.32 -36.58
C ILE A 493 26.09 -1.71 -35.29
N LEU A 494 25.52 -2.67 -34.55
CA LEU A 494 26.10 -3.05 -33.27
C LEU A 494 27.39 -3.84 -33.43
N PHE A 495 27.56 -4.53 -34.56
CA PHE A 495 28.75 -5.36 -34.74
C PHE A 495 30.03 -4.54 -34.61
N PHE A 496 29.98 -3.26 -34.94
CA PHE A 496 31.18 -2.42 -34.97
C PHE A 496 31.48 -1.74 -33.64
N VAL A 497 30.62 -1.90 -32.63
CA VAL A 497 30.83 -1.22 -31.35
C VAL A 497 31.94 -1.91 -30.58
N PRO A 498 31.96 -3.24 -30.48
CA PRO A 498 33.06 -3.91 -29.77
C PRO A 498 34.41 -3.82 -30.46
N LEU A 499 34.47 -3.36 -31.70
CA LEU A 499 35.72 -3.27 -32.44
C LEU A 499 36.54 -2.05 -32.06
N MET A 500 36.00 -1.14 -31.25
CA MET A 500 36.75 0.04 -30.82
C MET A 500 36.66 0.18 -29.30
N PRO B 94 14.61 17.01 22.23
CA PRO B 94 14.04 16.76 20.90
C PRO B 94 13.70 18.05 20.16
N PRO B 95 13.41 17.95 18.86
CA PRO B 95 13.08 19.17 18.10
C PRO B 95 11.90 19.94 18.67
N GLU B 96 10.89 19.24 19.20
CA GLU B 96 9.65 19.87 19.60
C GLU B 96 9.09 20.71 18.47
N GLY B 97 9.14 20.16 17.26
CA GLY B 97 8.70 20.87 16.09
C GLY B 97 9.33 20.28 14.84
N GLY B 98 9.34 21.08 13.78
CA GLY B 98 9.94 20.62 12.53
C GLY B 98 9.28 19.35 12.05
N PHE B 99 10.11 18.35 11.74
CA PHE B 99 9.58 17.09 11.23
C PHE B 99 8.58 16.48 12.20
N GLY B 100 8.72 16.77 13.50
CA GLY B 100 7.75 16.27 14.46
C GLY B 100 6.33 16.57 14.06
N TRP B 101 6.09 17.80 13.60
CA TRP B 101 4.73 18.17 13.18
C TRP B 101 4.25 17.27 12.05
N VAL B 102 5.13 16.96 11.11
CA VAL B 102 4.75 16.01 10.05
C VAL B 102 4.25 14.72 10.69
N VAL B 103 5.02 14.20 11.65
CA VAL B 103 4.60 12.98 12.34
C VAL B 103 3.22 13.18 12.96
N VAL B 104 3.00 14.35 13.56
CA VAL B 104 1.70 14.62 14.16
C VAL B 104 0.61 14.41 13.13
N PHE B 105 0.77 15.01 11.94
CA PHE B 105 -0.21 14.80 10.88
C PHE B 105 -0.43 13.31 10.66
N ALA B 106 0.66 12.57 10.44
CA ALA B 106 0.55 11.13 10.26
C ALA B 106 -0.21 10.52 11.43
N ALA B 107 0.19 10.87 12.66
CA ALA B 107 -0.48 10.31 13.83
C ALA B 107 -1.98 10.60 13.75
N THR B 108 -2.35 11.83 13.43
CA THR B 108 -3.77 12.15 13.29
C THR B 108 -4.41 11.22 12.28
N TRP B 109 -3.82 11.10 11.09
CA TRP B 109 -4.42 10.28 10.05
C TRP B 109 -4.60 8.85 10.53
N CYS B 110 -3.80 8.42 11.50
CA CYS B 110 -4.02 7.10 12.08
C CYS B 110 -5.31 7.10 12.90
N ASN B 111 -5.35 7.90 13.96
CA ASN B 111 -6.43 7.79 14.93
C ASN B 111 -7.79 7.97 14.26
N GLY B 112 -8.00 9.13 13.63
CA GLY B 112 -9.26 9.39 12.98
C GLY B 112 -9.63 8.34 11.95
N SER B 113 -8.80 7.58 11.48
CA SER B 113 -9.09 6.73 10.39
C SER B 113 -9.28 5.44 10.90
N ILE B 114 -8.90 5.15 12.08
CA ILE B 114 -9.19 3.85 12.71
C ILE B 114 -10.56 3.93 13.36
N PHE B 115 -10.66 4.76 14.41
CA PHE B 115 -11.91 4.85 15.16
C PHE B 115 -13.06 5.24 14.24
N GLY B 116 -12.82 6.20 13.35
CA GLY B 116 -13.85 6.58 12.41
C GLY B 116 -14.39 5.38 11.65
N ILE B 117 -13.48 4.56 11.12
CA ILE B 117 -13.92 3.36 10.39
C ILE B 117 -14.75 2.47 11.31
N HIS B 118 -14.30 2.31 12.56
CA HIS B 118 -15.07 1.53 13.52
C HIS B 118 -16.44 2.15 13.75
N ASN B 119 -16.51 3.49 13.83
CA ASN B 119 -17.78 4.15 14.00
C ASN B 119 -18.73 3.85 12.85
N SER B 120 -18.21 3.44 11.69
CA SER B 120 -19.03 3.12 10.54
C SER B 120 -19.54 1.69 10.54
N VAL B 121 -19.04 0.84 11.45
CA VAL B 121 -19.33 -0.59 11.36
C VAL B 121 -20.83 -0.82 11.32
N GLY B 122 -21.57 -0.15 12.22
CA GLY B 122 -23.00 -0.35 12.25
C GLY B 122 -23.65 -0.07 10.91
N ILE B 123 -23.27 1.05 10.29
CA ILE B 123 -23.81 1.37 8.98
C ILE B 123 -23.55 0.22 8.01
N LEU B 124 -22.31 -0.28 8.00
CA LEU B 124 -21.98 -1.40 7.13
C LEU B 124 -22.90 -2.57 7.39
N TYR B 125 -23.17 -2.87 8.67
CA TYR B 125 -24.09 -3.96 8.98
C TYR B 125 -25.42 -3.75 8.27
N SER B 126 -25.97 -2.54 8.37
CA SER B 126 -27.22 -2.25 7.69
C SER B 126 -27.10 -2.59 6.20
N MET B 127 -26.01 -2.15 5.57
CA MET B 127 -25.77 -2.47 4.17
C MET B 127 -25.99 -3.96 3.94
N LEU B 128 -25.29 -4.77 4.72
CA LEU B 128 -25.39 -6.22 4.56
C LEU B 128 -26.84 -6.67 4.58
N LEU B 129 -27.60 -6.21 5.56
CA LEU B 129 -29.00 -6.61 5.66
C LEU B 129 -29.75 -6.23 4.40
N GLU B 130 -29.54 -4.99 3.92
CA GLU B 130 -30.25 -4.54 2.74
C GLU B 130 -29.85 -5.31 1.50
N GLU B 131 -28.75 -6.08 1.56
CA GLU B 131 -28.34 -6.91 0.45
C GLU B 131 -28.73 -8.37 0.62
N GLU B 132 -29.27 -8.74 1.79
CA GLU B 132 -29.68 -10.12 2.05
C GLU B 132 -31.15 -10.23 2.43
N LYS B 133 -31.96 -9.24 2.08
CA LYS B 133 -33.39 -9.28 2.38
C LYS B 133 -34.19 -9.74 1.17
N ALA B 144 -23.49 -7.92 15.63
CA ALA B 144 -23.29 -6.86 16.60
C ALA B 144 -22.16 -7.20 17.57
N TRP B 145 -21.70 -8.45 17.52
CA TRP B 145 -20.59 -8.88 18.38
C TRP B 145 -19.25 -8.75 17.68
N VAL B 146 -19.21 -9.00 16.37
CA VAL B 146 -17.96 -8.86 15.63
C VAL B 146 -17.52 -7.39 15.62
N GLY B 147 -18.47 -6.46 15.56
CA GLY B 147 -18.11 -5.06 15.61
C GLY B 147 -17.41 -4.69 16.90
N ALA B 148 -17.85 -5.25 18.02
CA ALA B 148 -17.19 -5.01 19.29
C ALA B 148 -15.86 -5.76 19.38
N LEU B 149 -15.79 -6.97 18.81
CA LEU B 149 -14.52 -7.72 18.84
C LEU B 149 -13.44 -6.97 18.08
N ALA B 150 -13.76 -6.48 16.88
CA ALA B 150 -12.76 -5.78 16.08
C ALA B 150 -12.27 -4.52 16.78
N MET B 151 -13.18 -3.78 17.42
CA MET B 151 -12.80 -2.57 18.14
C MET B 151 -11.98 -2.88 19.39
N GLY B 152 -12.33 -3.94 20.13
CA GLY B 152 -11.58 -4.30 21.31
C GLY B 152 -10.23 -4.91 21.02
N MET B 153 -10.03 -5.46 19.82
CA MET B 153 -8.72 -5.96 19.43
C MET B 153 -7.68 -4.85 19.40
N ILE B 154 -8.10 -3.59 19.26
CA ILE B 154 -7.14 -2.49 19.26
C ILE B 154 -6.40 -2.41 20.59
N PHE B 155 -7.15 -2.55 21.69
CA PHE B 155 -6.58 -2.39 23.02
C PHE B 155 -6.14 -3.71 23.65
N PHE B 156 -6.83 -4.81 23.35
CA PHE B 156 -6.47 -6.09 23.96
C PHE B 156 -5.13 -6.60 23.48
N CYS B 157 -4.77 -6.36 22.22
CA CYS B 157 -3.53 -6.86 21.63
C CYS B 157 -2.38 -5.88 21.74
N SER B 158 -2.55 -4.78 22.48
CA SER B 158 -1.55 -3.73 22.56
C SER B 158 -0.29 -4.19 23.30
N PRO B 159 -0.40 -5.07 24.31
CA PRO B 159 0.83 -5.55 24.96
C PRO B 159 1.82 -6.19 24.00
N ILE B 160 1.34 -6.92 22.99
CA ILE B 160 2.24 -7.52 22.00
C ILE B 160 2.84 -6.45 21.10
N VAL B 161 2.03 -5.46 20.70
CA VAL B 161 2.55 -4.37 19.89
C VAL B 161 3.62 -3.62 20.64
N SER B 162 3.51 -3.55 21.97
CA SER B 162 4.55 -2.89 22.74
C SER B 162 5.89 -3.61 22.60
N ILE B 163 5.86 -4.95 22.68
CA ILE B 163 7.09 -5.73 22.51
C ILE B 163 7.66 -5.50 21.12
N PHE B 164 6.81 -5.60 20.10
CA PHE B 164 7.29 -5.39 18.74
C PHE B 164 7.81 -3.98 18.51
N THR B 165 7.29 -3.00 19.26
CA THR B 165 7.76 -1.62 19.11
C THR B 165 9.11 -1.43 19.80
N ASP B 166 9.32 -2.08 20.95
CA ASP B 166 10.63 -1.99 21.58
C ASP B 166 11.69 -2.72 20.77
N ARG B 167 11.32 -3.83 20.13
CA ARG B 167 12.31 -4.64 19.43
C ARG B 167 12.51 -4.18 17.98
N LEU B 168 11.43 -4.13 17.20
CA LEU B 168 11.53 -3.73 15.81
C LEU B 168 11.60 -2.22 15.64
N GLY B 169 10.58 -1.51 16.11
CA GLY B 169 10.53 -0.06 15.99
C GLY B 169 9.13 0.41 15.64
N CYS B 170 8.96 1.73 15.76
CA CYS B 170 7.66 2.33 15.46
C CYS B 170 7.32 2.22 13.98
N ARG B 171 8.30 2.46 13.11
CA ARG B 171 8.03 2.49 11.67
C ARG B 171 7.63 1.11 11.16
N ILE B 172 8.43 0.09 11.47
CA ILE B 172 8.16 -1.25 10.96
C ILE B 172 6.83 -1.75 11.50
N THR B 173 6.60 -1.58 12.80
CA THR B 173 5.36 -2.07 13.41
C THR B 173 4.15 -1.35 12.82
N ALA B 174 4.23 -0.03 12.67
CA ALA B 174 3.11 0.73 12.13
C ALA B 174 2.82 0.33 10.69
N THR B 175 3.87 0.16 9.88
CA THR B 175 3.67 -0.24 8.50
C THR B 175 3.05 -1.63 8.40
N ALA B 176 3.52 -2.57 9.24
CA ALA B 176 2.96 -3.91 9.22
C ALA B 176 1.49 -3.89 9.63
N GLY B 177 1.15 -3.14 10.68
CA GLY B 177 -0.24 -3.05 11.09
C GLY B 177 -1.12 -2.44 10.01
N ALA B 178 -0.63 -1.39 9.35
CA ALA B 178 -1.40 -0.77 8.28
C ALA B 178 -1.59 -1.74 7.11
N ALA B 179 -0.54 -2.51 6.78
CA ALA B 179 -0.68 -3.48 5.70
C ALA B 179 -1.70 -4.55 6.05
N VAL B 180 -1.69 -5.02 7.30
CA VAL B 180 -2.67 -6.04 7.71
C VAL B 180 -4.08 -5.47 7.69
N ALA B 181 -4.24 -4.21 8.09
CA ALA B 181 -5.56 -3.58 8.03
C ALA B 181 -6.05 -3.45 6.59
N PHE B 182 -5.15 -3.06 5.68
CA PHE B 182 -5.50 -2.98 4.27
C PHE B 182 -5.94 -4.34 3.75
N ILE B 183 -5.19 -5.38 4.09
CA ILE B 183 -5.54 -6.73 3.63
C ILE B 183 -6.89 -7.15 4.20
N GLY B 184 -7.15 -6.81 5.46
CA GLY B 184 -8.43 -7.14 6.05
C GLY B 184 -9.60 -6.49 5.33
N LEU B 185 -9.49 -5.19 5.06
CA LEU B 185 -10.57 -4.51 4.34
C LEU B 185 -10.68 -5.02 2.91
N HIS B 186 -9.56 -5.37 2.28
CA HIS B 186 -9.57 -5.96 0.95
C HIS B 186 -10.39 -7.25 0.93
N THR B 187 -9.98 -8.22 1.74
CA THR B 187 -10.68 -9.50 1.79
C THR B 187 -12.11 -9.33 2.28
N SER B 188 -12.39 -8.27 3.04
CA SER B 188 -13.79 -7.95 3.36
C SER B 188 -14.55 -7.56 2.10
N SER B 189 -13.94 -6.73 1.26
CA SER B 189 -14.59 -6.38 0.00
C SER B 189 -14.81 -7.59 -0.88
N PHE B 190 -13.95 -8.61 -0.77
CA PHE B 190 -14.13 -9.80 -1.60
C PHE B 190 -15.04 -10.84 -0.96
N THR B 191 -15.00 -11.01 0.35
CA THR B 191 -15.74 -12.10 0.97
C THR B 191 -17.24 -11.87 0.87
N SER B 192 -17.99 -12.97 0.69
CA SER B 192 -19.45 -12.98 0.77
C SER B 192 -19.84 -14.16 1.65
N SER B 193 -19.94 -13.92 2.95
CA SER B 193 -20.23 -14.96 3.92
C SER B 193 -20.45 -14.29 5.27
N LEU B 194 -20.89 -15.07 6.25
CA LEU B 194 -21.08 -14.60 7.61
C LEU B 194 -20.06 -15.18 8.59
N SER B 195 -19.21 -16.08 8.14
CA SER B 195 -18.11 -16.61 8.95
C SER B 195 -16.75 -16.09 8.51
N LEU B 196 -16.53 -15.97 7.20
CA LEU B 196 -15.30 -15.34 6.72
C LEU B 196 -15.28 -13.86 7.04
N ARG B 197 -16.45 -13.21 7.06
CA ARG B 197 -16.51 -11.81 7.46
C ARG B 197 -15.96 -11.63 8.87
N TYR B 198 -16.34 -12.51 9.79
CA TYR B 198 -15.88 -12.37 11.18
C TYR B 198 -14.37 -12.41 11.25
N PHE B 199 -13.75 -13.45 10.69
CA PHE B 199 -12.30 -13.55 10.72
C PHE B 199 -11.66 -12.34 10.05
N THR B 200 -12.07 -12.07 8.81
CA THR B 200 -11.38 -11.08 8.00
C THR B 200 -11.48 -9.69 8.62
N TYR B 201 -12.64 -9.34 9.19
CA TYR B 201 -12.76 -8.03 9.83
C TYR B 201 -12.07 -8.06 11.18
N GLY B 202 -12.57 -8.83 12.12
CA GLY B 202 -11.99 -8.81 13.45
C GLY B 202 -10.50 -9.08 13.44
N ILE B 203 -10.12 -10.34 13.17
CA ILE B 203 -8.77 -10.78 13.49
C ILE B 203 -7.74 -10.00 12.68
N LEU B 204 -8.05 -9.64 11.45
CA LEU B 204 -7.10 -8.93 10.61
C LEU B 204 -7.16 -7.42 10.83
N PHE B 205 -8.32 -6.81 10.58
CA PHE B 205 -8.40 -5.35 10.61
C PHE B 205 -8.15 -4.83 12.03
N GLY B 206 -8.75 -5.43 13.05
CA GLY B 206 -8.56 -4.91 14.40
C GLY B 206 -7.13 -5.09 14.89
N CYS B 207 -6.51 -6.22 14.58
CA CYS B 207 -5.12 -6.43 14.98
C CYS B 207 -4.18 -5.49 14.25
N GLY B 208 -4.41 -5.28 12.95
CA GLY B 208 -3.62 -4.31 12.23
C GLY B 208 -3.81 -2.91 12.77
N CYS B 209 -5.03 -2.57 13.16
CA CYS B 209 -5.29 -1.29 13.79
C CYS B 209 -4.53 -1.15 15.10
N SER B 210 -4.51 -2.22 15.91
CA SER B 210 -3.75 -2.18 17.15
C SER B 210 -2.27 -1.94 16.88
N PHE B 211 -1.72 -2.68 15.91
CA PHE B 211 -0.29 -2.56 15.61
C PHE B 211 0.06 -1.18 15.05
N ALA B 212 -0.83 -0.61 14.23
CA ALA B 212 -0.59 0.72 13.68
C ALA B 212 -0.86 1.83 14.69
N PHE B 213 -1.67 1.57 15.71
CA PHE B 213 -2.11 2.59 16.65
C PHE B 213 -1.17 2.71 17.84
N GLN B 214 -0.60 1.60 18.31
CA GLN B 214 0.29 1.68 19.47
C GLN B 214 1.48 2.58 19.20
N PRO B 215 2.23 2.45 18.10
CA PRO B 215 3.42 3.29 17.91
C PRO B 215 3.12 4.76 17.66
N SER B 216 1.88 5.11 17.30
CA SER B 216 1.56 6.48 16.91
C SER B 216 1.74 7.45 18.07
N LEU B 217 1.66 6.97 19.32
CA LEU B 217 1.87 7.82 20.48
C LEU B 217 3.34 7.83 20.91
N VAL B 218 4.00 6.68 20.78
CA VAL B 218 5.41 6.60 21.14
C VAL B 218 6.24 7.47 20.22
N ILE B 219 5.85 7.60 18.95
CA ILE B 219 6.59 8.47 18.05
C ILE B 219 6.46 9.94 18.47
N LEU B 220 5.25 10.36 18.83
CA LEU B 220 5.08 11.72 19.34
C LEU B 220 5.94 11.94 20.56
N GLY B 221 5.99 10.96 21.46
CA GLY B 221 6.90 11.06 22.59
C GLY B 221 8.35 11.16 22.16
N HIS B 222 8.70 10.48 21.08
CA HIS B 222 10.06 10.57 20.54
C HIS B 222 10.39 12.00 20.13
N TYR B 223 9.46 12.66 19.43
CA TYR B 223 9.77 13.96 18.84
C TYR B 223 9.48 15.15 19.76
N PHE B 224 8.49 15.06 20.63
CA PHE B 224 8.12 16.16 21.52
C PHE B 224 8.31 15.72 22.97
N GLN B 225 9.13 16.46 23.72
CA GLN B 225 9.24 16.30 25.17
C GLN B 225 8.56 17.43 25.92
N ARG B 226 8.98 18.68 25.71
CA ARG B 226 8.40 19.80 26.43
C ARG B 226 7.01 20.14 25.92
N ARG B 227 6.75 19.91 24.64
CA ARG B 227 5.46 20.18 24.02
C ARG B 227 4.80 18.86 23.60
N LEU B 228 4.97 17.82 24.41
CA LEU B 228 4.32 16.54 24.13
C LEU B 228 2.82 16.64 24.33
N GLY B 229 2.39 17.35 25.38
CA GLY B 229 0.96 17.48 25.63
C GLY B 229 0.23 18.17 24.49
N LEU B 230 0.83 19.24 23.95
CA LEU B 230 0.18 19.95 22.86
C LEU B 230 0.08 19.09 21.61
N ALA B 231 1.14 18.32 21.30
CA ALA B 231 1.08 17.44 20.14
C ALA B 231 0.01 16.37 20.31
N ASN B 232 -0.08 15.79 21.52
CA ASN B 232 -1.10 14.79 21.78
C ASN B 232 -2.50 15.41 21.69
N GLY B 233 -2.64 16.65 22.14
CA GLY B 233 -3.93 17.32 22.02
C GLY B 233 -4.32 17.57 20.58
N VAL B 234 -3.37 17.99 19.75
CA VAL B 234 -3.65 18.18 18.33
C VAL B 234 -4.09 16.86 17.71
N VAL B 235 -3.34 15.79 17.98
CA VAL B 235 -3.69 14.49 17.43
C VAL B 235 -5.08 14.05 17.87
N SER B 236 -5.38 14.19 19.16
CA SER B 236 -6.66 13.79 19.71
C SER B 236 -7.83 14.61 19.15
N ALA B 237 -7.66 15.93 19.01
CA ALA B 237 -8.73 16.75 18.48
C ALA B 237 -9.01 16.41 17.03
N GLY B 238 -7.95 16.31 16.21
CA GLY B 238 -8.14 15.91 14.83
C GLY B 238 -8.82 14.55 14.72
N SER B 239 -8.37 13.59 15.53
CA SER B 239 -8.96 12.26 15.50
C SER B 239 -10.42 12.30 15.90
N SER B 240 -10.76 13.08 16.92
CA SER B 240 -12.16 13.18 17.35
C SER B 240 -13.02 13.72 16.23
N ILE B 241 -12.61 14.82 15.61
CA ILE B 241 -13.43 15.42 14.56
C ILE B 241 -13.58 14.45 13.40
N PHE B 242 -12.48 13.81 12.98
CA PHE B 242 -12.56 12.88 11.87
C PHE B 242 -13.45 11.70 12.18
N SER B 243 -13.38 11.17 13.41
CA SER B 243 -14.20 10.04 13.79
C SER B 243 -15.68 10.40 13.79
N MET B 244 -16.03 11.58 14.30
CA MET B 244 -17.44 11.96 14.29
C MET B 244 -17.93 12.30 12.89
N SER B 245 -17.04 12.69 11.99
CA SER B 245 -17.46 13.03 10.63
C SER B 245 -17.52 11.82 9.70
N PHE B 246 -16.79 10.75 9.99
CA PHE B 246 -16.71 9.62 9.06
C PHE B 246 -18.05 8.95 8.80
N PRO B 247 -18.85 8.59 9.81
CA PRO B 247 -20.07 7.81 9.53
C PRO B 247 -21.03 8.49 8.56
N PHE B 248 -21.13 9.82 8.59
CA PHE B 248 -22.03 10.49 7.65
C PHE B 248 -21.56 10.29 6.22
N LEU B 249 -20.25 10.40 5.99
CA LEU B 249 -19.71 10.14 4.66
C LEU B 249 -19.94 8.69 4.25
N ILE B 250 -19.81 7.76 5.20
CA ILE B 250 -20.06 6.36 4.88
C ILE B 250 -21.52 6.15 4.48
N ARG B 251 -22.45 6.79 5.21
CA ARG B 251 -23.86 6.69 4.86
C ARG B 251 -24.12 7.25 3.46
N MET B 252 -23.54 8.41 3.15
CA MET B 252 -23.75 9.00 1.84
C MET B 252 -23.18 8.10 0.74
N LEU B 253 -22.02 7.50 0.98
CA LEU B 253 -21.49 6.53 0.02
C LEU B 253 -22.43 5.34 -0.14
N GLY B 254 -22.96 4.83 0.97
CA GLY B 254 -23.90 3.73 0.89
C GLY B 254 -25.11 4.06 0.05
N ASP B 255 -25.62 5.28 0.15
CA ASP B 255 -26.75 5.68 -0.67
C ASP B 255 -26.42 5.60 -2.16
N LYS B 256 -25.14 5.60 -2.53
CA LYS B 256 -24.71 5.59 -3.91
C LYS B 256 -24.16 4.25 -4.37
N ILE B 257 -23.16 3.70 -3.67
CA ILE B 257 -22.49 2.48 -4.09
C ILE B 257 -22.80 1.35 -3.12
N LYS B 258 -22.33 0.15 -3.44
CA LYS B 258 -22.64 -1.04 -2.67
C LYS B 258 -21.60 -1.24 -1.55
N LEU B 259 -21.64 -2.40 -0.90
CA LEU B 259 -20.79 -2.64 0.26
C LEU B 259 -19.34 -2.88 -0.16
N ALA B 260 -19.13 -3.61 -1.25
CA ALA B 260 -17.76 -3.92 -1.68
C ALA B 260 -16.98 -2.66 -2.02
N GLN B 261 -17.61 -1.74 -2.74
CA GLN B 261 -16.94 -0.48 -3.08
C GLN B 261 -16.62 0.32 -1.83
N THR B 262 -17.52 0.30 -0.84
CA THR B 262 -17.26 1.00 0.41
C THR B 262 -16.06 0.40 1.12
N PHE B 263 -15.98 -0.93 1.19
CA PHE B 263 -14.80 -1.57 1.75
C PHE B 263 -13.55 -1.19 0.97
N GLN B 264 -13.67 -1.04 -0.35
CA GLN B 264 -12.53 -0.62 -1.15
C GLN B 264 -12.07 0.78 -0.76
N VAL B 265 -13.01 1.70 -0.52
CA VAL B 265 -12.65 3.04 -0.09
C VAL B 265 -11.96 3.01 1.28
N LEU B 266 -12.48 2.19 2.19
CA LEU B 266 -11.85 2.07 3.51
C LEU B 266 -10.43 1.52 3.37
N SER B 267 -10.23 0.55 2.48
CA SER B 267 -8.89 0.04 2.23
C SER B 267 -8.00 1.13 1.65
N THR B 268 -8.56 2.04 0.85
CA THR B 268 -7.78 3.17 0.35
C THR B 268 -7.33 4.06 1.50
N PHE B 269 -8.23 4.32 2.45
CA PHE B 269 -7.85 5.06 3.65
C PHE B 269 -6.69 4.37 4.37
N MET B 270 -6.79 3.05 4.53
CA MET B 270 -5.73 2.31 5.20
C MET B 270 -4.43 2.38 4.42
N PHE B 271 -4.51 2.36 3.09
CA PHE B 271 -3.33 2.44 2.24
C PHE B 271 -2.62 3.78 2.45
N VAL B 272 -3.38 4.87 2.43
CA VAL B 272 -2.79 6.18 2.67
C VAL B 272 -2.20 6.25 4.06
N LEU B 273 -2.87 5.61 5.03
CA LEU B 273 -2.32 5.54 6.38
C LEU B 273 -0.94 4.88 6.38
N MET B 274 -0.83 3.73 5.72
CA MET B 274 0.46 3.04 5.69
C MET B 274 1.52 3.89 5.01
N LEU B 275 1.15 4.58 3.94
CA LEU B 275 2.11 5.47 3.30
C LEU B 275 2.58 6.56 4.26
N LEU B 276 1.66 7.14 5.01
CA LEU B 276 2.03 8.19 5.96
C LEU B 276 2.85 7.63 7.12
N SER B 277 2.71 6.33 7.41
CA SER B 277 3.39 5.73 8.55
C SER B 277 4.91 5.67 8.38
N LEU B 278 5.42 5.92 7.18
CA LEU B 278 6.86 5.85 6.95
C LEU B 278 7.60 7.06 7.48
N THR B 279 6.88 8.09 7.94
CA THR B 279 7.50 9.28 8.51
C THR B 279 7.86 9.10 9.98
N TYR B 280 7.71 7.89 10.52
CA TYR B 280 8.05 7.61 11.91
C TYR B 280 9.54 7.37 12.07
N ARG B 281 10.35 8.32 11.61
CA ARG B 281 11.79 8.15 11.64
C ARG B 281 12.28 8.11 13.09
N PRO B 282 13.02 7.10 13.51
CA PRO B 282 13.43 7.02 14.91
C PRO B 282 14.30 8.20 15.32
N LEU B 283 14.10 8.65 16.55
CA LEU B 283 14.87 9.73 17.13
C LEU B 283 15.56 9.37 18.44
N LEU B 284 15.18 8.26 19.07
CA LEU B 284 15.75 7.81 20.33
C LEU B 284 16.26 6.39 20.17
N PRO B 285 17.20 5.96 21.02
CA PRO B 285 17.72 4.60 20.91
C PRO B 285 16.62 3.56 21.05
N SER B 286 16.96 2.33 20.71
CA SER B 286 16.03 1.21 20.78
C SER B 286 16.59 0.09 21.66
N LEU B 304 13.16 -20.35 26.54
CA LEU B 304 12.44 -19.85 27.70
C LEU B 304 12.98 -18.49 28.12
N ALA B 305 14.27 -18.28 27.89
CA ALA B 305 14.89 -17.00 28.23
C ALA B 305 14.27 -15.86 27.42
N GLN B 306 14.02 -16.10 26.13
CA GLN B 306 13.39 -15.07 25.30
C GLN B 306 12.02 -14.68 25.84
N LEU B 307 11.29 -15.64 26.43
CA LEU B 307 10.00 -15.32 27.01
C LEU B 307 10.14 -14.32 28.16
N ARG B 308 11.14 -14.53 29.03
CA ARG B 308 11.36 -13.58 30.11
C ARG B 308 11.95 -12.27 29.61
N LYS B 309 12.60 -12.29 28.44
CA LYS B 309 13.14 -11.06 27.87
C LYS B 309 12.03 -10.20 27.27
N TYR B 310 11.06 -10.83 26.61
CA TYR B 310 9.96 -10.09 25.99
C TYR B 310 8.89 -9.69 27.00
N PHE B 311 8.83 -10.36 28.14
CA PHE B 311 7.83 -10.09 29.19
C PHE B 311 8.54 -9.83 30.51
N ASN B 312 9.52 -8.94 30.47
CA ASN B 312 10.26 -8.59 31.69
C ASN B 312 9.33 -8.03 32.75
N MET B 313 8.35 -7.22 32.34
CA MET B 313 7.42 -6.57 33.26
C MET B 313 8.17 -5.66 34.23
N ARG B 314 8.87 -4.67 33.68
CA ARG B 314 9.62 -3.72 34.47
C ARG B 314 8.81 -2.51 34.90
N VAL B 315 7.82 -2.08 34.10
CA VAL B 315 6.95 -0.98 34.50
C VAL B 315 6.09 -1.34 35.70
N PHE B 316 5.76 -2.61 35.90
CA PHE B 316 5.00 -3.05 37.06
C PHE B 316 5.86 -3.18 38.31
N ARG B 317 7.10 -2.72 38.26
CA ARG B 317 7.94 -2.61 39.46
C ARG B 317 7.85 -1.24 40.09
N GLN B 318 6.98 -0.37 39.58
CA GLN B 318 6.81 0.98 40.08
C GLN B 318 5.38 1.14 40.59
N ARG B 319 5.24 1.51 41.86
CA ARG B 319 3.92 1.58 42.47
C ARG B 319 3.04 2.63 41.78
N THR B 320 3.62 3.77 41.43
CA THR B 320 2.83 4.85 40.84
C THR B 320 2.16 4.38 39.56
N TYR B 321 2.93 3.75 38.66
CA TYR B 321 2.36 3.25 37.42
C TYR B 321 1.32 2.17 37.68
N ARG B 322 1.61 1.26 38.61
CA ARG B 322 0.66 0.20 38.92
C ARG B 322 -0.69 0.77 39.32
N ILE B 323 -0.68 1.68 40.29
CA ILE B 323 -1.94 2.22 40.81
C ILE B 323 -2.62 3.09 39.76
N TRP B 324 -1.85 3.86 38.98
CA TRP B 324 -2.44 4.67 37.93
C TRP B 324 -3.17 3.81 36.91
N ALA B 325 -2.51 2.74 36.45
CA ALA B 325 -3.13 1.86 35.46
C ALA B 325 -4.33 1.14 36.06
N PHE B 326 -4.24 0.74 37.33
CA PHE B 326 -5.36 0.06 37.96
C PHE B 326 -6.58 0.98 38.06
N GLY B 327 -6.36 2.25 38.44
CA GLY B 327 -7.47 3.18 38.48
C GLY B 327 -8.08 3.43 37.11
N ILE B 328 -7.24 3.60 36.09
CA ILE B 328 -7.75 3.83 34.75
C ILE B 328 -8.52 2.62 34.25
N ALA B 329 -8.08 1.41 34.61
CA ALA B 329 -8.79 0.21 34.21
C ALA B 329 -10.09 0.04 34.99
N ALA B 330 -10.13 0.50 36.24
CA ALA B 330 -11.35 0.38 37.03
C ALA B 330 -12.41 1.38 36.59
N ALA B 331 -11.99 2.53 36.07
CA ALA B 331 -12.96 3.57 35.69
C ALA B 331 -13.64 3.31 34.35
N ALA B 332 -13.12 2.40 33.53
CA ALA B 332 -13.48 2.39 32.10
C ALA B 332 -14.95 2.04 31.87
N LEU B 333 -15.48 1.06 32.61
CA LEU B 333 -16.85 0.63 32.38
C LEU B 333 -17.81 1.83 32.40
N GLY B 334 -17.89 2.49 33.55
CA GLY B 334 -18.76 3.63 33.69
C GLY B 334 -18.30 4.85 32.94
N TYR B 335 -17.01 4.91 32.59
CA TYR B 335 -16.54 6.00 31.75
C TYR B 335 -17.17 5.94 30.37
N PHE B 336 -17.25 4.73 29.80
CA PHE B 336 -17.71 4.57 28.42
C PHE B 336 -19.20 4.25 28.31
N VAL B 337 -19.88 3.87 29.40
CA VAL B 337 -21.32 3.62 29.30
C VAL B 337 -22.08 4.86 28.81
N PRO B 338 -21.92 6.04 29.40
CA PRO B 338 -22.78 7.18 29.01
C PRO B 338 -22.67 7.54 27.55
N TYR B 339 -21.46 7.52 26.98
CA TYR B 339 -21.30 7.97 25.60
C TYR B 339 -22.07 7.08 24.63
N VAL B 340 -22.07 5.76 24.87
CA VAL B 340 -22.82 4.86 24.00
C VAL B 340 -24.32 5.01 24.25
N HIS B 341 -24.74 5.13 25.51
CA HIS B 341 -26.15 4.99 25.83
C HIS B 341 -26.93 6.31 25.87
N LEU B 342 -26.27 7.45 25.69
CA LEU B 342 -27.00 8.72 25.73
C LEU B 342 -28.00 8.84 24.58
N MET B 343 -27.60 8.44 23.38
CA MET B 343 -28.50 8.56 22.23
C MET B 343 -29.74 7.70 22.43
N LYS B 344 -29.56 6.47 22.91
CA LYS B 344 -30.70 5.60 23.17
C LYS B 344 -31.58 6.19 24.28
N TYR B 345 -30.96 6.73 25.34
CA TYR B 345 -31.76 7.31 26.42
C TYR B 345 -32.62 8.46 25.90
N VAL B 346 -32.04 9.35 25.09
CA VAL B 346 -32.81 10.50 24.60
C VAL B 346 -33.88 10.03 23.62
N GLU B 347 -33.57 9.03 22.80
CA GLU B 347 -34.57 8.52 21.87
C GLU B 347 -35.76 7.92 22.60
N GLU B 348 -35.50 7.17 23.68
CA GLU B 348 -36.60 6.54 24.41
C GLU B 348 -37.38 7.58 25.22
N GLU B 349 -36.70 8.31 26.11
CA GLU B 349 -37.39 9.23 27.00
C GLU B 349 -37.96 10.42 26.25
N PHE B 350 -37.16 11.04 25.37
CA PHE B 350 -37.54 12.25 24.65
C PHE B 350 -37.86 11.88 23.21
N SER B 351 -39.15 11.60 22.95
CA SER B 351 -39.62 11.27 21.61
C SER B 351 -40.26 12.45 20.90
N GLU B 352 -40.55 13.54 21.61
CA GLU B 352 -41.24 14.68 21.02
C GLU B 352 -40.30 15.78 20.54
N ILE B 353 -38.98 15.59 20.65
CA ILE B 353 -38.00 16.55 20.18
C ILE B 353 -37.34 15.99 18.94
N LYS B 354 -37.29 16.80 17.88
CA LYS B 354 -36.76 16.37 16.59
C LYS B 354 -35.33 16.85 16.34
N GLU B 355 -34.86 17.86 17.08
CA GLU B 355 -33.51 18.41 16.90
C GLU B 355 -32.47 17.61 17.67
N THR B 356 -32.35 16.32 17.40
CA THR B 356 -31.42 15.47 18.13
C THR B 356 -29.98 15.66 17.67
N TRP B 357 -29.76 16.21 16.47
CA TRP B 357 -28.39 16.45 16.00
C TRP B 357 -27.69 17.53 16.81
N VAL B 358 -28.43 18.38 17.51
CA VAL B 358 -27.81 19.40 18.34
C VAL B 358 -26.96 18.74 19.42
N LEU B 359 -27.45 17.63 19.98
CA LEU B 359 -26.67 16.91 20.98
C LEU B 359 -25.33 16.46 20.42
N LEU B 360 -25.35 15.86 19.23
CA LEU B 360 -24.11 15.38 18.62
C LEU B 360 -23.17 16.54 18.33
N VAL B 361 -23.70 17.64 17.81
CA VAL B 361 -22.86 18.80 17.50
C VAL B 361 -22.21 19.33 18.77
N CYS B 362 -22.98 19.45 19.84
CA CYS B 362 -22.44 19.95 21.10
C CYS B 362 -21.34 19.03 21.62
N ILE B 363 -21.63 17.72 21.67
CA ILE B 363 -20.63 16.78 22.17
C ILE B 363 -19.35 16.89 21.36
N GLY B 364 -19.46 16.86 20.03
CA GLY B 364 -18.26 16.86 19.21
C GLY B 364 -17.46 18.14 19.35
N ALA B 365 -18.14 19.28 19.27
CA ALA B 365 -17.44 20.56 19.36
C ALA B 365 -16.72 20.70 20.70
N THR B 366 -17.46 20.48 21.80
CA THR B 366 -16.85 20.64 23.11
C THR B 366 -15.77 19.59 23.36
N SER B 367 -15.91 18.39 22.78
CA SER B 367 -14.91 17.36 22.98
C SER B 367 -13.60 17.72 22.27
N GLY B 368 -13.68 18.18 21.02
CA GLY B 368 -12.48 18.63 20.34
C GLY B 368 -11.83 19.80 21.05
N LEU B 369 -12.64 20.78 21.44
CA LEU B 369 -12.11 21.93 22.16
C LEU B 369 -11.42 21.51 23.44
N GLY B 370 -12.06 20.62 24.21
CA GLY B 370 -11.47 20.16 25.45
C GLY B 370 -10.20 19.36 25.24
N ARG B 371 -10.17 18.53 24.20
CA ARG B 371 -8.95 17.79 23.90
C ARG B 371 -7.80 18.75 23.65
N LEU B 372 -8.02 19.74 22.77
CA LEU B 372 -6.94 20.68 22.46
C LEU B 372 -6.51 21.44 23.71
N VAL B 373 -7.47 21.95 24.47
CA VAL B 373 -7.14 22.78 25.63
C VAL B 373 -6.42 21.96 26.70
N SER B 374 -6.88 20.74 26.96
CA SER B 374 -6.23 19.89 27.94
C SER B 374 -4.82 19.53 27.51
N GLY B 375 -4.64 19.17 26.23
CA GLY B 375 -3.30 18.90 25.75
C GLY B 375 -2.38 20.09 25.94
N HIS B 376 -2.88 21.29 25.66
CA HIS B 376 -2.07 22.48 25.88
C HIS B 376 -1.72 22.66 27.35
N ILE B 377 -2.73 22.79 28.22
CA ILE B 377 -2.46 23.14 29.60
C ILE B 377 -1.75 22.03 30.38
N SER B 378 -1.79 20.78 29.92
CA SER B 378 -1.05 19.74 30.62
C SER B 378 0.45 19.98 30.58
N ASP B 379 0.92 20.80 29.65
CA ASP B 379 2.36 21.08 29.56
C ASP B 379 2.81 21.99 30.69
N SER B 380 1.92 22.85 31.19
CA SER B 380 2.27 23.78 32.25
C SER B 380 2.18 23.18 33.65
N ILE B 381 1.76 21.93 33.77
CA ILE B 381 1.65 21.25 35.05
C ILE B 381 2.95 20.49 35.28
N PRO B 382 3.72 20.80 36.34
CA PRO B 382 5.11 20.31 36.40
C PRO B 382 5.31 18.81 36.26
N GLY B 383 4.81 18.03 37.20
CA GLY B 383 5.13 16.60 37.24
C GLY B 383 3.91 15.71 37.22
N LEU B 384 3.77 14.85 38.24
CA LEU B 384 2.62 13.96 38.32
C LEU B 384 1.34 14.71 38.65
N LYS B 385 1.42 16.00 38.96
CA LYS B 385 0.22 16.77 39.29
C LYS B 385 -0.80 16.76 38.16
N LYS B 386 -0.35 16.56 36.92
CA LYS B 386 -1.30 16.50 35.81
C LYS B 386 -2.28 15.35 35.95
N ILE B 387 -1.92 14.30 36.71
CA ILE B 387 -2.86 13.23 36.99
C ILE B 387 -4.17 13.80 37.55
N TYR B 388 -4.08 14.90 38.30
CA TYR B 388 -5.28 15.48 38.89
C TYR B 388 -6.30 15.85 37.82
N LEU B 389 -5.84 16.33 36.66
CA LEU B 389 -6.78 16.61 35.58
C LEU B 389 -7.67 15.39 35.33
N GLN B 390 -7.06 14.22 35.20
CA GLN B 390 -7.82 13.00 34.94
C GLN B 390 -8.90 12.79 36.00
N VAL B 391 -8.58 13.04 37.28
CA VAL B 391 -9.59 12.75 38.30
C VAL B 391 -10.81 13.62 38.08
N LEU B 392 -10.64 14.89 37.85
CA LEU B 392 -11.72 15.73 37.53
C LEU B 392 -12.45 15.22 36.35
N SER B 393 -11.73 14.75 35.33
CA SER B 393 -12.38 14.16 34.16
C SER B 393 -13.06 12.82 34.46
N PHE B 394 -12.99 12.39 35.72
CA PHE B 394 -13.67 11.18 36.12
C PHE B 394 -14.71 11.57 37.14
N LEU B 395 -14.38 12.57 37.95
CA LEU B 395 -15.32 13.02 38.97
C LEU B 395 -16.59 13.57 38.34
N LEU B 396 -16.47 14.66 37.58
CA LEU B 396 -17.64 15.27 36.97
C LEU B 396 -18.44 14.24 36.19
N LEU B 397 -17.76 13.50 35.30
CA LEU B 397 -18.44 12.46 34.54
C LEU B 397 -19.23 11.55 35.46
N GLY B 398 -18.60 11.05 36.51
CA GLY B 398 -19.29 10.24 37.48
C GLY B 398 -20.57 10.94 37.91
N LEU B 399 -20.41 12.14 38.46
CA LEU B 399 -21.58 12.89 38.89
C LEU B 399 -22.56 13.07 37.73
N MET B 400 -22.04 13.43 36.56
CA MET B 400 -22.92 13.62 35.41
C MET B 400 -23.71 12.36 35.11
N SER B 401 -23.05 11.20 35.22
CA SER B 401 -23.74 9.95 34.92
C SER B 401 -24.95 9.74 35.82
N MET B 402 -25.00 10.39 36.97
CA MET B 402 -26.12 10.24 37.90
C MET B 402 -27.13 11.37 37.80
N MET B 403 -27.00 12.27 36.81
CA MET B 403 -27.99 13.32 36.59
C MET B 403 -28.65 13.24 35.23
N ILE B 404 -28.23 12.32 34.36
CA ILE B 404 -28.93 12.12 33.08
C ILE B 404 -30.38 11.75 33.34
N PRO B 405 -30.70 10.83 34.25
CA PRO B 405 -32.12 10.55 34.53
C PRO B 405 -32.89 11.76 35.03
N LEU B 406 -32.22 12.72 35.66
CA LEU B 406 -32.88 13.86 36.27
C LEU B 406 -33.15 15.00 35.29
N CYS B 407 -32.73 14.86 34.04
CA CYS B 407 -32.94 15.92 33.05
C CYS B 407 -34.36 15.85 32.52
N ARG B 408 -35.11 16.94 32.71
CA ARG B 408 -36.47 17.04 32.19
C ARG B 408 -36.61 17.98 31.02
N ASP B 409 -35.58 18.75 30.69
CA ASP B 409 -35.64 19.77 29.66
C ASP B 409 -34.52 19.56 28.64
N PHE B 410 -34.72 20.13 27.46
CA PHE B 410 -33.71 20.04 26.40
C PHE B 410 -32.41 20.70 26.81
N GLY B 411 -32.50 21.85 27.48
CA GLY B 411 -31.30 22.55 27.92
C GLY B 411 -30.46 21.72 28.87
N GLY B 412 -31.11 20.96 29.75
CA GLY B 412 -30.38 20.05 30.61
C GLY B 412 -29.59 19.03 29.82
N LEU B 413 -30.20 18.46 28.79
CA LEU B 413 -29.49 17.52 27.93
C LEU B 413 -28.31 18.19 27.24
N ILE B 414 -28.49 19.43 26.79
CA ILE B 414 -27.40 20.14 26.12
C ILE B 414 -26.24 20.35 27.09
N VAL B 415 -26.54 20.77 28.31
CA VAL B 415 -25.49 20.98 29.30
C VAL B 415 -24.78 19.68 29.62
N VAL B 416 -25.54 18.60 29.76
CA VAL B 416 -24.94 17.30 30.04
C VAL B 416 -24.03 16.88 28.90
N CYS B 417 -24.41 17.17 27.66
CA CYS B 417 -23.56 16.84 26.53
C CYS B 417 -22.27 17.66 26.54
N LEU B 418 -22.37 18.96 26.84
CA LEU B 418 -21.18 19.79 26.95
C LEU B 418 -20.22 19.21 27.99
N PHE B 419 -20.75 18.87 29.16
CA PHE B 419 -19.89 18.34 30.21
C PHE B 419 -19.35 16.96 29.84
N LEU B 420 -20.13 16.16 29.13
CA LEU B 420 -19.66 14.84 28.69
C LEU B 420 -18.45 14.99 27.77
N GLY B 421 -18.52 15.90 26.81
CA GLY B 421 -17.38 16.12 25.92
C GLY B 421 -16.17 16.68 26.66
N LEU B 422 -16.40 17.63 27.56
CA LEU B 422 -15.29 18.17 28.35
C LEU B 422 -14.60 17.06 29.14
N CYS B 423 -15.37 16.20 29.79
CA CYS B 423 -14.79 15.06 30.50
C CYS B 423 -14.07 14.11 29.56
N ASP B 424 -14.64 13.87 28.37
CA ASP B 424 -14.02 12.94 27.43
C ASP B 424 -12.63 13.41 27.03
N GLY B 425 -12.47 14.71 26.75
CA GLY B 425 -11.21 15.19 26.22
C GLY B 425 -10.00 14.94 27.10
N PHE B 426 -10.01 15.52 28.30
CA PHE B 426 -8.85 15.49 29.18
C PHE B 426 -8.33 14.08 29.37
N PHE B 427 -9.24 13.14 29.67
CA PHE B 427 -8.86 11.77 29.96
C PHE B 427 -7.85 11.25 28.95
N ILE B 428 -8.25 11.16 27.67
CA ILE B 428 -7.36 10.64 26.64
C ILE B 428 -6.13 11.53 26.50
N THR B 429 -6.38 12.85 26.35
CA THR B 429 -5.35 13.75 25.86
C THR B 429 -4.18 13.82 26.82
N ILE B 430 -4.43 13.59 28.11
CA ILE B 430 -3.32 13.55 29.06
C ILE B 430 -2.96 12.12 29.45
N MET B 431 -3.87 11.16 29.31
CA MET B 431 -3.50 9.77 29.60
C MET B 431 -2.29 9.37 28.78
N ALA B 432 -2.17 9.91 27.57
CA ALA B 432 -0.96 9.64 26.79
C ALA B 432 0.27 10.31 27.41
N PRO B 433 0.33 11.65 27.52
CA PRO B 433 1.53 12.26 28.14
C PRO B 433 1.82 11.81 29.58
N ILE B 434 0.80 11.57 30.40
CA ILE B 434 1.08 11.07 31.75
C ILE B 434 1.72 9.69 31.68
N ALA B 435 1.29 8.86 30.74
CA ALA B 435 1.94 7.57 30.54
C ALA B 435 3.41 7.75 30.17
N PHE B 436 3.71 8.74 29.32
CA PHE B 436 5.12 8.98 29.01
C PHE B 436 5.90 9.57 30.19
N GLU B 437 5.25 10.36 31.04
CA GLU B 437 5.95 11.02 32.14
C GLU B 437 6.24 10.07 33.27
N LEU B 438 5.34 9.11 33.54
CA LEU B 438 5.49 8.26 34.71
C LEU B 438 6.77 7.44 34.65
N VAL B 439 7.10 6.91 33.48
CA VAL B 439 8.12 5.87 33.36
C VAL B 439 9.29 6.29 32.48
N GLY B 440 9.14 7.30 31.62
CA GLY B 440 10.24 7.77 30.81
C GLY B 440 10.11 7.33 29.36
N PRO B 441 10.88 7.96 28.47
CA PRO B 441 10.78 7.60 27.05
C PRO B 441 11.16 6.16 26.75
N MET B 442 12.08 5.57 27.52
CA MET B 442 12.49 4.20 27.26
C MET B 442 11.33 3.23 27.50
N GLN B 443 10.80 3.22 28.72
CA GLN B 443 9.69 2.32 29.06
C GLN B 443 8.34 3.00 28.83
N ALA B 444 8.15 3.59 27.65
CA ALA B 444 6.90 4.27 27.30
C ALA B 444 6.00 3.41 26.44
N SER B 445 6.57 2.72 25.45
CA SER B 445 5.77 1.81 24.63
C SER B 445 5.16 0.72 25.49
N GLN B 446 5.95 0.14 26.39
CA GLN B 446 5.45 -0.93 27.26
C GLN B 446 4.34 -0.43 28.18
N ALA B 447 4.55 0.75 28.79
CA ALA B 447 3.54 1.30 29.69
C ALA B 447 2.24 1.59 28.95
N ILE B 448 2.34 2.20 27.76
CA ILE B 448 1.14 2.48 26.98
C ILE B 448 0.44 1.19 26.60
N GLY B 449 1.21 0.20 26.12
CA GLY B 449 0.62 -1.04 25.69
C GLY B 449 -0.13 -1.75 26.81
N TYR B 450 0.47 -1.79 28.00
CA TYR B 450 -0.18 -2.51 29.08
C TYR B 450 -1.32 -1.72 29.71
N LEU B 451 -1.25 -0.38 29.73
CA LEU B 451 -2.43 0.40 30.10
C LEU B 451 -3.58 0.08 29.16
N LEU B 452 -3.31 0.07 27.86
CA LEU B 452 -4.36 -0.25 26.89
C LEU B 452 -4.88 -1.66 27.07
N GLY B 453 -3.99 -2.62 27.32
CA GLY B 453 -4.42 -4.00 27.51
C GLY B 453 -5.29 -4.17 28.75
N MET B 454 -4.96 -3.45 29.82
CA MET B 454 -5.78 -3.53 31.03
C MET B 454 -7.13 -2.84 30.81
N MET B 455 -7.16 -1.76 30.02
CA MET B 455 -8.43 -1.10 29.73
C MET B 455 -9.28 -1.91 28.76
N ALA B 456 -8.66 -2.81 28.00
CA ALA B 456 -9.37 -3.48 26.90
C ALA B 456 -10.66 -4.13 27.36
N LEU B 457 -10.62 -4.90 28.46
CA LEU B 457 -11.78 -5.70 28.83
C LEU B 457 -12.88 -4.86 29.46
N PRO B 458 -12.62 -4.04 30.49
CA PRO B 458 -13.73 -3.30 31.12
C PRO B 458 -14.48 -2.39 30.16
N MET B 459 -13.78 -1.75 29.22
CA MET B 459 -14.44 -0.84 28.30
C MET B 459 -15.41 -1.59 27.41
N ILE B 460 -15.03 -2.78 26.96
CA ILE B 460 -15.94 -3.59 26.15
C ILE B 460 -17.09 -4.11 26.99
N ALA B 461 -16.82 -4.48 28.23
CA ALA B 461 -17.83 -5.11 29.06
C ALA B 461 -18.85 -4.13 29.63
N GLY B 462 -18.52 -2.84 29.70
CA GLY B 462 -19.38 -1.87 30.33
C GLY B 462 -20.73 -1.71 29.67
N PRO B 463 -20.74 -1.17 28.45
CA PRO B 463 -22.01 -0.86 27.78
C PRO B 463 -22.92 -2.08 27.68
N PRO B 464 -22.38 -3.27 27.42
CA PRO B 464 -23.24 -4.47 27.48
C PRO B 464 -23.95 -4.62 28.81
N ILE B 465 -23.24 -4.41 29.92
CA ILE B 465 -23.87 -4.55 31.23
C ILE B 465 -24.89 -3.43 31.45
N ALA B 466 -24.60 -2.23 30.94
CA ALA B 466 -25.57 -1.15 31.04
C ALA B 466 -26.86 -1.51 30.31
N GLY B 467 -26.74 -2.05 29.10
CA GLY B 467 -27.92 -2.48 28.37
C GLY B 467 -28.66 -3.60 29.07
N LEU B 468 -27.93 -4.57 29.62
CA LEU B 468 -28.56 -5.66 30.35
C LEU B 468 -29.35 -5.13 31.55
N LEU B 469 -28.77 -4.19 32.28
CA LEU B 469 -29.47 -3.57 33.40
C LEU B 469 -30.71 -2.83 32.92
N ARG B 470 -30.59 -2.13 31.78
CA ARG B 470 -31.75 -1.42 31.24
C ARG B 470 -32.89 -2.39 30.93
N ASN B 471 -32.56 -3.55 30.35
CA ASN B 471 -33.61 -4.50 29.98
C ASN B 471 -34.27 -5.11 31.20
N CYS B 472 -33.57 -5.16 32.33
CA CYS B 472 -34.11 -5.83 33.52
C CYS B 472 -35.01 -4.93 34.36
N PHE B 473 -35.04 -3.62 34.11
CA PHE B 473 -35.88 -2.70 34.86
C PHE B 473 -36.79 -1.84 34.00
N GLY B 474 -36.60 -1.83 32.68
CA GLY B 474 -37.45 -1.04 31.81
C GLY B 474 -37.07 0.41 31.67
N ASP B 475 -36.00 0.85 32.34
CA ASP B 475 -35.57 2.23 32.26
C ASP B 475 -34.06 2.30 32.44
N TYR B 476 -33.47 3.39 31.98
CA TYR B 476 -32.03 3.60 32.03
C TYR B 476 -31.56 4.19 33.35
N HIS B 477 -32.46 4.50 34.28
CA HIS B 477 -32.08 5.17 35.51
C HIS B 477 -31.05 4.35 36.29
N VAL B 478 -31.35 3.07 36.52
CA VAL B 478 -30.44 2.23 37.30
C VAL B 478 -29.13 2.03 36.55
N ALA B 479 -29.19 1.89 35.22
CA ALA B 479 -27.98 1.68 34.44
C ALA B 479 -27.03 2.86 34.59
N PHE B 480 -27.54 4.08 34.47
CA PHE B 480 -26.70 5.25 34.61
C PHE B 480 -26.23 5.43 36.04
N TYR B 481 -27.11 5.16 37.02
CA TYR B 481 -26.70 5.28 38.42
C TYR B 481 -25.55 4.33 38.72
N PHE B 482 -25.58 3.12 38.16
CA PHE B 482 -24.51 2.15 38.42
C PHE B 482 -23.26 2.48 37.62
N ALA B 483 -23.43 3.03 36.41
CA ALA B 483 -22.27 3.43 35.61
C ALA B 483 -21.58 4.66 36.18
N GLY B 484 -22.26 5.44 37.00
CA GLY B 484 -21.63 6.62 37.59
C GLY B 484 -20.65 6.31 38.69
N VAL B 485 -20.62 5.08 39.18
CA VAL B 485 -19.81 4.72 40.35
C VAL B 485 -18.38 4.36 39.96
N PRO B 486 -18.16 3.48 38.98
CA PRO B 486 -16.79 3.04 38.69
C PRO B 486 -15.87 4.22 38.42
N PRO B 487 -16.33 5.23 37.67
CA PRO B 487 -15.47 6.40 37.46
C PRO B 487 -15.09 7.11 38.75
N ILE B 488 -16.02 7.22 39.69
CA ILE B 488 -15.70 7.86 40.97
C ILE B 488 -14.69 7.02 41.74
N ILE B 489 -14.85 5.70 41.72
CA ILE B 489 -13.89 4.83 42.40
C ILE B 489 -12.51 5.00 41.79
N GLY B 490 -12.45 5.04 40.45
CA GLY B 490 -11.17 5.25 39.80
C GLY B 490 -10.56 6.60 40.12
N ALA B 491 -11.38 7.64 40.21
CA ALA B 491 -10.87 8.96 40.59
C ALA B 491 -10.29 8.94 41.98
N VAL B 492 -10.98 8.28 42.92
CA VAL B 492 -10.47 8.19 44.29
C VAL B 492 -9.17 7.41 44.32
N ILE B 493 -9.08 6.34 43.51
CA ILE B 493 -7.85 5.55 43.47
C ILE B 493 -6.70 6.39 42.92
N LEU B 494 -6.96 7.15 41.86
CA LEU B 494 -5.90 7.93 41.22
C LEU B 494 -5.49 9.13 42.07
N PHE B 495 -6.39 9.64 42.91
CA PHE B 495 -6.07 10.84 43.68
C PHE B 495 -4.84 10.64 44.55
N PHE B 496 -4.56 9.40 44.95
CA PHE B 496 -3.48 9.12 45.90
C PHE B 496 -2.15 8.85 45.21
N VAL B 497 -2.11 8.79 43.89
CA VAL B 497 -0.87 8.47 43.17
C VAL B 497 0.07 9.67 43.22
N PRO B 498 -0.37 10.89 42.96
CA PRO B 498 0.52 12.05 43.01
C PRO B 498 0.97 12.44 44.41
N LEU B 499 0.41 11.84 45.45
CA LEU B 499 0.77 12.15 46.83
C LEU B 499 2.03 11.42 47.29
N MET B 500 2.59 10.57 46.44
CA MET B 500 3.79 9.82 46.81
C MET B 500 4.82 9.88 45.69
#